data_3MEB
#
_entry.id   3MEB
#
_cell.length_a   58.580
_cell.length_b   101.150
_cell.length_c   81.530
_cell.angle_alpha   90.00
_cell.angle_beta   90.62
_cell.angle_gamma   90.00
#
_symmetry.space_group_name_H-M   'P 1 21 1'
#
loop_
_entity.id
_entity.type
_entity.pdbx_description
1 polymer 'Aspartate aminotransferase'
2 non-polymer 'SULFATE ION'
3 non-polymer "PYRIDOXAL-5'-PHOSPHATE"
4 non-polymer 1,2-ETHANEDIOL
5 water water
#
_entity_poly.entity_id   1
_entity_poly.type   'polypeptide(L)'
_entity_poly.pdbx_seq_one_letter_code
;MAHHHHHHMGTLEAQTQGPGSMSVFSGFPASPPDAILNLTVLYNADTNPKKVNLGVGAYRDESGKPWILPAVKEAEAIIS
SDLSKYNKEYPPVAGFPLFLEAAQFLMFGKDSKAAQEGRIASCQSLSGTGSLHIGFEFLHLWMPKAEFYMPSTTWPNHYG
IYDKVFNKLKVPYKEYTYLRKDGELEIDFSNTKKDIQSAPEKSIFLFHACAHNPSGIDFTEAQWKELLPIMKEKKHIAFF
DSAYQGFATGSFEADAFAVRMFVDAGVEVLVAQSFSKNFGLYGERIGCLHVVHAGVEGSVEKNKALSAAMVSGMTLQIRK
TWSMSAIHGAYIVQVIVHDKRLLQMFYDNVKEMSARIHRMRSLLHASLAKRKTPGPGSKGTWDHILTAIGMFTFTGLTPE
HVDYLKEKWSIYLVKAGGRMSMCGLTESNCDYVAEAIHDAVTKLPFKK
;
_entity_poly.pdbx_strand_id   A,B
#
# COMPACT_ATOMS: atom_id res chain seq x y z
N MET A 22 4.05 -32.95 -6.70
CA MET A 22 3.19 -33.27 -5.49
C MET A 22 2.98 -32.03 -4.60
N SER A 23 3.74 -30.97 -4.80
CA SER A 23 3.37 -29.70 -4.17
C SER A 23 2.08 -29.20 -4.81
N VAL A 24 1.24 -28.53 -4.02
CA VAL A 24 0.04 -27.86 -4.57
C VAL A 24 0.37 -26.68 -5.44
N PHE A 25 1.63 -26.23 -5.36
CA PHE A 25 2.16 -25.14 -6.17
C PHE A 25 2.94 -25.59 -7.43
N SER A 26 3.08 -26.89 -7.60
CA SER A 26 3.76 -27.46 -8.76
C SER A 26 3.19 -26.90 -10.09
N GLY A 27 4.09 -26.45 -10.95
CA GLY A 27 3.73 -25.86 -12.25
C GLY A 27 3.41 -24.37 -12.21
N PHE A 28 3.57 -23.73 -11.04
CA PHE A 28 3.27 -22.32 -10.95
C PHE A 28 4.10 -21.57 -12.00
N PRO A 29 3.45 -20.73 -12.83
CA PRO A 29 4.23 -20.12 -13.93
C PRO A 29 5.02 -18.89 -13.47
N ALA A 30 6.18 -18.65 -14.08
CA ALA A 30 6.98 -17.43 -13.83
C ALA A 30 6.30 -16.30 -14.59
N SER A 31 6.04 -15.15 -13.95
CA SER A 31 5.56 -14.00 -14.68
C SER A 31 6.80 -13.22 -15.09
N PRO A 32 6.91 -12.81 -16.35
CA PRO A 32 8.06 -12.01 -16.74
C PRO A 32 8.17 -10.67 -15.95
N PRO A 33 9.39 -10.20 -15.72
CA PRO A 33 9.61 -9.00 -14.93
C PRO A 33 8.93 -7.79 -15.59
N ASP A 34 8.48 -6.81 -14.83
CA ASP A 34 7.96 -5.59 -15.47
C ASP A 34 8.97 -5.02 -16.45
N ALA A 35 8.48 -4.67 -17.66
CA ALA A 35 9.35 -4.27 -18.76
C ALA A 35 10.04 -2.92 -18.52
N ILE A 36 9.45 -2.08 -17.70
CA ILE A 36 10.08 -0.84 -17.30
C ILE A 36 10.90 -1.04 -16.02
N LEU A 37 10.27 -1.47 -14.93
CA LEU A 37 11.02 -1.55 -13.66
C LEU A 37 12.27 -2.44 -13.74
N ASN A 38 12.16 -3.53 -14.51
CA ASN A 38 13.28 -4.49 -14.62
C ASN A 38 14.51 -3.85 -15.28
N LEU A 39 14.35 -2.72 -15.98
CA LEU A 39 15.49 -2.09 -16.64
C LEU A 39 16.49 -1.62 -15.61
N THR A 40 16.01 -1.22 -14.43
CA THR A 40 16.94 -0.79 -13.38
C THR A 40 17.69 -2.00 -12.80
N VAL A 41 17.02 -3.14 -12.71
CA VAL A 41 17.65 -4.39 -12.22
C VAL A 41 18.81 -4.76 -13.13
N LEU A 42 18.54 -4.76 -14.45
CA LEU A 42 19.54 -5.11 -15.43
C LEU A 42 20.70 -4.13 -15.44
N TYR A 43 20.37 -2.83 -15.43
CA TYR A 43 21.35 -1.77 -15.41
C TYR A 43 22.25 -1.90 -14.18
N ASN A 44 21.67 -2.29 -13.04
CA ASN A 44 22.44 -2.41 -11.78
C ASN A 44 23.43 -3.56 -11.78
N ALA A 45 23.07 -4.65 -12.46
CA ALA A 45 23.95 -5.81 -12.61
C ALA A 45 25.06 -5.58 -13.62
N ASP A 46 24.87 -4.60 -14.51
CA ASP A 46 25.80 -4.41 -15.64
C ASP A 46 27.15 -3.87 -15.12
N THR A 47 28.23 -4.58 -15.46
CA THR A 47 29.58 -4.19 -14.98
C THR A 47 30.30 -3.17 -15.89
N ASN A 48 29.70 -2.82 -17.03
CA ASN A 48 30.31 -1.88 -17.99
C ASN A 48 30.32 -0.47 -17.38
N PRO A 49 31.51 0.11 -17.16
CA PRO A 49 31.54 1.41 -16.50
C PRO A 49 30.89 2.55 -17.27
N LYS A 50 30.65 2.38 -18.57
CA LYS A 50 29.97 3.39 -19.40
C LYS A 50 28.44 3.22 -19.54
N LYS A 51 27.88 2.33 -18.72
CA LYS A 51 26.45 2.06 -18.72
C LYS A 51 25.60 3.30 -18.46
N VAL A 52 24.43 3.37 -19.09
CA VAL A 52 23.55 4.57 -18.97
C VAL A 52 22.14 4.06 -18.73
N ASN A 53 21.49 4.54 -17.65
CA ASN A 53 20.12 4.12 -17.35
C ASN A 53 19.12 5.12 -17.88
N LEU A 54 18.39 4.80 -18.94
CA LEU A 54 17.44 5.78 -19.53
C LEU A 54 16.04 5.15 -19.52
N GLY A 55 15.75 4.41 -18.46
CA GLY A 55 14.58 3.55 -18.37
C GLY A 55 13.47 4.19 -17.57
N VAL A 56 13.36 3.78 -16.31
CA VAL A 56 12.42 4.32 -15.34
C VAL A 56 12.54 5.86 -15.26
N GLY A 57 11.41 6.54 -15.25
CA GLY A 57 11.42 7.98 -15.10
C GLY A 57 11.67 8.34 -13.65
N ALA A 58 12.92 8.51 -13.32
CA ALA A 58 13.33 8.88 -11.99
C ALA A 58 14.40 9.92 -12.08
N TYR A 59 14.18 11.07 -11.46
CA TYR A 59 15.14 12.14 -11.56
C TYR A 59 16.57 11.70 -11.16
N ARG A 60 17.58 12.19 -11.88
CA ARG A 60 18.98 12.06 -11.46
C ARG A 60 19.66 13.41 -11.62
N ASP A 61 20.62 13.68 -10.74
CA ASP A 61 21.40 14.90 -10.78
C ASP A 61 22.50 14.92 -11.85
N GLU A 62 23.28 15.99 -11.83
CA GLU A 62 24.39 16.27 -12.78
C GLU A 62 25.39 15.10 -12.95
N SER A 63 25.54 14.31 -11.89
CA SER A 63 26.47 13.16 -11.85
C SER A 63 25.75 11.84 -12.13
N GLY A 64 24.47 11.92 -12.49
CA GLY A 64 23.63 10.74 -12.74
C GLY A 64 23.21 9.97 -11.49
N LYS A 65 23.11 10.65 -10.36
CA LYS A 65 22.83 9.97 -9.07
C LYS A 65 21.46 10.33 -8.54
N PRO A 66 20.85 9.45 -7.73
CA PRO A 66 19.64 9.88 -7.03
C PRO A 66 19.85 11.21 -6.31
N TRP A 67 18.81 12.03 -6.31
CA TRP A 67 18.84 13.38 -5.77
C TRP A 67 17.74 13.59 -4.77
N ILE A 68 18.12 13.72 -3.48
CA ILE A 68 17.17 14.14 -2.47
C ILE A 68 16.92 15.65 -2.58
N LEU A 69 15.69 16.06 -2.82
CA LEU A 69 15.36 17.49 -2.89
C LEU A 69 15.79 18.19 -1.60
N PRO A 70 16.47 19.36 -1.70
CA PRO A 70 16.83 20.10 -0.48
C PRO A 70 15.61 20.34 0.44
N ALA A 71 14.43 20.59 -0.13
CA ALA A 71 13.20 20.73 0.70
C ALA A 71 12.89 19.47 1.46
N VAL A 72 13.04 18.31 0.80
CA VAL A 72 12.87 16.99 1.45
C VAL A 72 13.96 16.72 2.51
N LYS A 73 15.20 17.09 2.22
CA LYS A 73 16.24 16.95 3.21
C LYS A 73 15.85 17.72 4.49
N GLU A 74 15.34 18.95 4.34
CA GLU A 74 14.93 19.76 5.50
C GLU A 74 13.76 19.13 6.27
N ALA A 75 12.78 18.65 5.52
CA ALA A 75 11.63 17.99 6.09
C ALA A 75 12.09 16.77 6.91
N GLU A 76 12.98 15.98 6.33
CA GLU A 76 13.48 14.80 7.03
C GLU A 76 14.07 15.14 8.37
N ALA A 77 14.94 16.14 8.39
CA ALA A 77 15.54 16.56 9.65
C ALA A 77 14.46 16.97 10.66
N ILE A 78 13.39 17.61 10.19
CA ILE A 78 12.35 18.04 11.11
C ILE A 78 11.64 16.80 11.68
N ILE A 79 11.21 15.89 10.81
CA ILE A 79 10.34 14.82 11.29
C ILE A 79 11.16 13.76 12.00
N SER A 80 12.45 13.61 11.67
CA SER A 80 13.31 12.60 12.32
C SER A 80 13.74 13.00 13.75
N SER A 81 13.56 14.28 14.11
CA SER A 81 14.03 14.87 15.37
C SER A 81 13.05 14.75 16.55
N ASP A 82 11.76 14.57 16.26
CA ASP A 82 10.75 14.43 17.31
C ASP A 82 9.80 13.33 16.90
N LEU A 83 10.04 12.11 17.39
CA LEU A 83 9.20 10.95 17.06
C LEU A 83 7.99 10.81 17.97
N SER A 84 7.81 11.72 18.92
CA SER A 84 6.56 11.82 19.67
C SER A 84 5.56 12.62 18.84
N LYS A 85 5.98 13.74 18.30
CA LYS A 85 5.14 14.54 17.38
C LYS A 85 4.91 13.73 16.10
N TYR A 86 5.99 13.28 15.48
CA TYR A 86 5.92 12.50 14.27
C TYR A 86 6.00 11.01 14.63
N ASN A 87 4.94 10.54 15.29
CA ASN A 87 4.92 9.22 15.84
C ASN A 87 4.59 8.19 14.75
N LYS A 88 4.61 6.91 15.11
CA LYS A 88 4.46 5.82 14.14
C LYS A 88 3.14 5.09 14.32
N GLU A 89 2.15 5.76 14.92
CA GLU A 89 0.85 5.15 15.13
C GLU A 89 0.08 5.11 13.84
N TYR A 90 -0.98 4.33 13.83
CA TYR A 90 -1.81 4.26 12.65
C TYR A 90 -2.33 5.69 12.36
N PRO A 91 -2.18 6.16 11.12
CA PRO A 91 -2.80 7.44 10.79
C PRO A 91 -4.31 7.35 10.65
N PRO A 92 -4.96 8.51 10.56
CA PRO A 92 -6.37 8.51 10.25
C PRO A 92 -6.57 7.80 8.94
N VAL A 93 -7.70 7.09 8.79
CA VAL A 93 -7.88 6.25 7.62
C VAL A 93 -7.77 7.04 6.25
N ALA A 94 -8.24 8.28 6.19
CA ALA A 94 -8.18 9.10 4.96
C ALA A 94 -6.82 9.77 4.81
N GLY A 95 -6.05 9.79 5.89
CA GLY A 95 -4.72 10.42 5.91
C GLY A 95 -4.72 11.60 6.84
N PHE A 96 -3.54 12.09 7.20
CA PHE A 96 -3.47 13.29 8.06
C PHE A 96 -4.17 14.49 7.41
N PRO A 97 -5.00 15.21 8.17
CA PRO A 97 -5.65 16.41 7.58
C PRO A 97 -4.69 17.40 6.96
N LEU A 98 -3.56 17.71 7.62
CA LEU A 98 -2.52 18.58 7.02
C LEU A 98 -2.00 18.09 5.67
N PHE A 99 -1.80 16.78 5.51
CA PHE A 99 -1.40 16.20 4.25
C PHE A 99 -2.52 16.38 3.20
N LEU A 100 -3.75 16.07 3.58
CA LEU A 100 -4.88 16.20 2.65
C LEU A 100 -5.01 17.66 2.21
N GLU A 101 -4.89 18.57 3.18
CA GLU A 101 -4.89 19.99 2.84
C GLU A 101 -3.74 20.33 1.91
N ALA A 102 -2.54 19.81 2.19
CA ALA A 102 -1.37 20.06 1.34
C ALA A 102 -1.68 19.56 -0.09
N ALA A 103 -2.22 18.35 -0.17
CA ALA A 103 -2.51 17.73 -1.50
C ALA A 103 -3.54 18.51 -2.29
N GLN A 104 -4.63 18.90 -1.65
CA GLN A 104 -5.61 19.77 -2.30
C GLN A 104 -5.03 21.10 -2.75
N PHE A 105 -4.27 21.77 -1.87
CA PHE A 105 -3.60 23.00 -2.24
C PHE A 105 -2.82 22.86 -3.52
N LEU A 106 -2.00 21.83 -3.66
CA LEU A 106 -1.11 21.70 -4.78
C LEU A 106 -1.89 21.45 -6.07
N MET A 107 -2.93 20.64 -5.99
CA MET A 107 -3.66 20.24 -7.19
C MET A 107 -4.65 21.33 -7.62
N PHE A 108 -5.43 21.82 -6.66
CA PHE A 108 -6.55 22.73 -6.97
C PHE A 108 -6.31 24.20 -6.69
N GLY A 109 -5.22 24.51 -6.01
CA GLY A 109 -5.00 25.86 -5.55
C GLY A 109 -5.47 26.18 -4.13
N LYS A 110 -5.02 27.34 -3.66
CA LYS A 110 -5.27 27.74 -2.30
C LYS A 110 -6.71 28.19 -2.20
N ASP A 111 -7.47 27.62 -1.25
CA ASP A 111 -8.89 27.90 -1.06
C ASP A 111 -9.70 27.92 -2.36
N SER A 112 -9.56 26.87 -3.15
CA SER A 112 -10.23 26.84 -4.42
C SER A 112 -11.76 27.00 -4.25
N LYS A 113 -12.40 27.44 -5.31
CA LYS A 113 -13.87 27.50 -5.36
C LYS A 113 -14.47 26.12 -5.07
N ALA A 114 -13.87 25.05 -5.61
CA ALA A 114 -14.36 23.70 -5.36
C ALA A 114 -14.28 23.32 -3.84
N ALA A 115 -13.18 23.66 -3.18
CA ALA A 115 -13.03 23.42 -1.74
C ALA A 115 -14.04 24.23 -0.94
N GLN A 116 -14.18 25.49 -1.29
CA GLN A 116 -15.12 26.40 -0.60
C GLN A 116 -16.55 25.93 -0.71
N GLU A 117 -16.88 25.25 -1.81
CA GLU A 117 -18.21 24.70 -2.00
C GLU A 117 -18.42 23.27 -1.46
N GLY A 118 -17.39 22.68 -0.87
CA GLY A 118 -17.52 21.36 -0.24
C GLY A 118 -17.51 20.21 -1.23
N ARG A 119 -16.93 20.43 -2.41
CA ARG A 119 -17.04 19.49 -3.54
C ARG A 119 -15.93 18.46 -3.60
N ILE A 120 -14.86 18.63 -2.80
CA ILE A 120 -13.69 17.76 -2.88
C ILE A 120 -13.64 16.68 -1.81
N ALA A 121 -13.60 15.43 -2.27
CA ALA A 121 -13.45 14.28 -1.41
C ALA A 121 -12.03 13.74 -1.58
N SER A 122 -11.20 13.80 -0.53
CA SER A 122 -9.77 13.49 -0.65
C SER A 122 -9.44 12.35 0.26
N CYS A 123 -8.65 11.41 -0.26
CA CYS A 123 -8.18 10.28 0.56
C CYS A 123 -6.77 9.93 0.15
N GLN A 124 -5.87 9.91 1.12
CA GLN A 124 -4.53 9.44 0.89
C GLN A 124 -4.54 8.06 0.31
N SER A 125 -3.62 7.83 -0.61
CA SER A 125 -3.45 6.49 -1.14
C SER A 125 -2.00 6.21 -1.41
N LEU A 126 -1.70 5.01 -1.91
CA LEU A 126 -0.33 4.58 -2.10
C LEU A 126 0.23 5.09 -3.44
N SER A 127 0.61 6.37 -3.42
CA SER A 127 1.08 7.11 -4.58
C SER A 127 0.12 7.01 -5.75
N GLY A 128 0.64 7.24 -6.95
CA GLY A 128 -0.18 7.24 -8.14
C GLY A 128 -0.90 5.93 -8.37
N THR A 129 -0.13 4.85 -8.31
CA THR A 129 -0.67 3.53 -8.63
C THR A 129 -1.80 3.18 -7.69
N GLY A 130 -1.57 3.38 -6.39
CA GLY A 130 -2.56 3.02 -5.37
C GLY A 130 -3.78 3.93 -5.46
N SER A 131 -3.54 5.16 -5.91
CA SER A 131 -4.65 6.11 -6.14
C SER A 131 -5.50 5.64 -7.33
N LEU A 132 -4.86 5.17 -8.41
CA LEU A 132 -5.57 4.63 -9.58
C LEU A 132 -6.34 3.39 -9.24
N HIS A 133 -5.68 2.45 -8.57
CA HIS A 133 -6.38 1.27 -8.11
C HIS A 133 -7.70 1.60 -7.39
N ILE A 134 -7.59 2.40 -6.34
CA ILE A 134 -8.75 2.70 -5.48
C ILE A 134 -9.80 3.53 -6.23
N GLY A 135 -9.33 4.43 -7.09
CA GLY A 135 -10.22 5.27 -7.88
C GLY A 135 -10.93 4.46 -8.99
N PHE A 136 -10.20 3.58 -9.65
CA PHE A 136 -10.83 2.64 -10.63
C PHE A 136 -11.91 1.78 -9.98
N GLU A 137 -11.57 1.18 -8.84
CA GLU A 137 -12.50 0.35 -8.09
C GLU A 137 -13.67 1.18 -7.56
N PHE A 138 -13.39 2.40 -7.13
CA PHE A 138 -14.45 3.31 -6.65
C PHE A 138 -15.54 3.47 -7.72
N LEU A 139 -15.12 3.74 -8.94
CA LEU A 139 -16.07 3.95 -10.03
C LEU A 139 -16.70 2.66 -10.49
N HIS A 140 -15.93 1.57 -10.55
CA HIS A 140 -16.49 0.30 -11.00
C HIS A 140 -17.57 -0.22 -10.04
N LEU A 141 -17.39 0.03 -8.76
CA LEU A 141 -18.38 -0.32 -7.74
C LEU A 141 -19.61 0.58 -7.83
N TRP A 142 -19.39 1.90 -7.97
CA TRP A 142 -20.51 2.86 -7.97
C TRP A 142 -21.31 2.91 -9.28
N MET A 143 -20.62 2.81 -10.40
CA MET A 143 -21.20 2.95 -11.72
C MET A 143 -20.75 1.78 -12.60
N PRO A 144 -21.19 0.56 -12.25
CA PRO A 144 -20.68 -0.62 -12.94
C PRO A 144 -20.96 -0.65 -14.44
N LYS A 145 -21.92 0.14 -14.91
CA LYS A 145 -22.30 0.07 -16.30
C LYS A 145 -21.55 1.08 -17.15
N ALA A 146 -20.82 1.99 -16.53
CA ALA A 146 -20.12 3.05 -17.27
C ALA A 146 -18.92 2.51 -18.03
N GLU A 147 -18.83 2.88 -19.30
CA GLU A 147 -17.69 2.53 -20.12
C GLU A 147 -16.50 3.35 -19.69
N PHE A 148 -15.31 2.72 -19.71
CA PHE A 148 -14.06 3.37 -19.33
C PHE A 148 -13.17 3.49 -20.57
N TYR A 149 -12.69 4.70 -20.86
CA TYR A 149 -11.94 4.99 -22.09
C TYR A 149 -10.50 5.40 -21.79
N MET A 150 -9.54 4.69 -22.35
CA MET A 150 -8.14 5.03 -22.20
C MET A 150 -7.66 5.75 -23.45
N PRO A 151 -6.67 6.66 -23.33
CA PRO A 151 -6.04 7.12 -24.57
C PRO A 151 -5.36 5.92 -25.29
N SER A 152 -5.30 5.97 -26.64
CA SER A 152 -4.80 4.83 -27.42
C SER A 152 -3.31 4.48 -27.17
N THR A 153 -2.57 5.47 -26.66
CA THR A 153 -1.25 5.27 -26.08
C THR A 153 -1.33 5.80 -24.66
N THR A 154 -0.84 5.00 -23.70
CA THR A 154 -0.91 5.33 -22.28
C THR A 154 0.14 4.56 -21.48
N TRP A 155 0.22 4.82 -20.20
CA TRP A 155 1.16 4.12 -19.34
C TRP A 155 0.79 2.64 -19.25
N PRO A 156 1.73 1.72 -19.61
CA PRO A 156 1.40 0.31 -19.68
C PRO A 156 0.69 -0.22 -18.44
N ASN A 157 1.12 0.24 -17.26
CA ASN A 157 0.53 -0.31 -16.05
C ASN A 157 -0.94 0.02 -15.88
N HIS A 158 -1.42 1.06 -16.57
CA HIS A 158 -2.83 1.37 -16.57
C HIS A 158 -3.65 0.13 -16.99
N TYR A 159 -3.18 -0.62 -17.97
CA TYR A 159 -3.93 -1.79 -18.46
C TYR A 159 -4.04 -2.82 -17.36
N GLY A 160 -2.98 -2.97 -16.58
CA GLY A 160 -2.98 -3.97 -15.50
C GLY A 160 -3.79 -3.56 -14.30
N ILE A 161 -3.69 -2.29 -13.92
CA ILE A 161 -4.48 -1.73 -12.85
C ILE A 161 -5.93 -1.94 -13.23
N TYR A 162 -6.24 -1.60 -14.48
CA TYR A 162 -7.59 -1.82 -15.00
C TYR A 162 -7.99 -3.29 -14.95
N ASP A 163 -7.10 -4.20 -15.39
CA ASP A 163 -7.49 -5.59 -15.44
C ASP A 163 -7.83 -6.13 -14.06
N LYS A 164 -7.06 -5.76 -13.05
CA LYS A 164 -7.35 -6.34 -11.74
C LYS A 164 -8.72 -5.85 -11.19
N VAL A 165 -9.15 -4.61 -11.51
CA VAL A 165 -10.43 -4.10 -11.00
C VAL A 165 -11.62 -4.57 -11.87
N PHE A 166 -11.48 -4.50 -13.18
CA PHE A 166 -12.65 -4.60 -14.07
C PHE A 166 -12.71 -5.99 -14.70
N ASN A 167 -11.56 -6.65 -14.81
CA ASN A 167 -11.39 -7.87 -15.62
C ASN A 167 -11.51 -7.53 -17.11
N LYS A 168 -10.34 -7.33 -17.73
CA LYS A 168 -10.20 -7.07 -19.17
C LYS A 168 -11.08 -7.92 -20.04
N LEU A 169 -11.26 -9.18 -19.70
CA LEU A 169 -11.95 -10.11 -20.62
C LEU A 169 -13.47 -10.06 -20.48
N LYS A 170 -13.97 -9.84 -19.26
CA LYS A 170 -15.40 -9.65 -19.01
C LYS A 170 -15.87 -8.23 -19.38
N VAL A 171 -15.07 -7.21 -18.99
CA VAL A 171 -15.40 -5.79 -19.19
C VAL A 171 -14.21 -5.06 -19.81
N PRO A 172 -14.02 -5.22 -21.13
CA PRO A 172 -12.92 -4.52 -21.80
C PRO A 172 -12.99 -3.00 -21.68
N TYR A 173 -11.84 -2.36 -21.58
CA TYR A 173 -11.77 -0.91 -21.69
C TYR A 173 -11.96 -0.53 -23.16
N LYS A 174 -12.46 0.69 -23.40
CA LYS A 174 -12.43 1.32 -24.72
C LYS A 174 -11.29 2.34 -24.84
N GLU A 175 -11.08 2.84 -26.06
CA GLU A 175 -10.03 3.76 -26.33
C GLU A 175 -10.59 5.00 -27.03
N TYR A 176 -9.93 6.13 -26.79
CA TYR A 176 -10.14 7.30 -27.61
C TYR A 176 -8.85 7.58 -28.36
N THR A 177 -8.97 8.15 -29.55
CA THR A 177 -7.82 8.44 -30.37
C THR A 177 -6.92 9.44 -29.63
N TYR A 178 -5.65 9.09 -29.57
CA TYR A 178 -4.65 9.99 -29.06
C TYR A 178 -3.67 10.37 -30.18
N LEU A 179 -2.57 9.64 -30.40
CA LEU A 179 -1.62 9.98 -31.48
C LEU A 179 -2.12 9.54 -32.84
N ARG A 180 -1.55 10.12 -33.89
CA ARG A 180 -1.95 9.85 -35.28
C ARG A 180 -1.67 8.44 -35.70
N LYS A 181 -2.54 7.91 -36.55
CA LYS A 181 -2.38 6.57 -37.09
C LYS A 181 -0.97 6.36 -37.66
N ASP A 182 -0.48 7.31 -38.46
CA ASP A 182 0.81 7.14 -39.15
C ASP A 182 2.05 7.06 -38.24
N GLY A 183 1.89 7.14 -36.92
CA GLY A 183 3.01 7.02 -35.98
C GLY A 183 3.68 8.35 -35.63
N GLU A 184 3.32 9.44 -36.32
CA GLU A 184 3.97 10.71 -36.06
C GLU A 184 3.50 11.28 -34.73
N LEU A 185 4.37 12.04 -34.07
CA LEU A 185 4.13 12.54 -32.71
C LEU A 185 3.25 13.80 -32.71
N GLU A 186 1.99 13.59 -33.03
CA GLU A 186 0.99 14.65 -32.98
C GLU A 186 -0.33 13.99 -32.63
N ILE A 187 -1.13 14.62 -31.79
CA ILE A 187 -2.45 14.15 -31.44
C ILE A 187 -3.43 14.39 -32.60
N ASP A 188 -4.14 13.34 -32.99
CA ASP A 188 -5.13 13.41 -34.07
C ASP A 188 -6.40 13.97 -33.44
N PHE A 189 -6.35 15.26 -33.13
CA PHE A 189 -7.30 15.90 -32.24
C PHE A 189 -8.74 15.92 -32.76
N SER A 190 -8.87 15.98 -34.08
CA SER A 190 -10.17 15.85 -34.75
C SER A 190 -10.85 14.54 -34.33
N ASN A 191 -10.12 13.44 -34.44
CA ASN A 191 -10.67 12.14 -33.99
C ASN A 191 -10.81 12.00 -32.47
N THR A 192 -9.93 12.62 -31.70
CA THR A 192 -10.09 12.67 -30.27
C THR A 192 -11.50 13.17 -29.91
N LYS A 193 -11.90 14.30 -30.47
CA LYS A 193 -13.20 14.86 -30.20
C LYS A 193 -14.36 13.97 -30.66
N LYS A 194 -14.22 13.38 -31.85
CA LYS A 194 -15.28 12.49 -32.37
C LYS A 194 -15.50 11.33 -31.45
N ASP A 195 -14.38 10.76 -30.98
CA ASP A 195 -14.42 9.61 -30.12
C ASP A 195 -15.12 9.91 -28.79
N ILE A 196 -14.85 11.09 -28.24
CA ILE A 196 -15.41 11.46 -26.92
C ILE A 196 -16.85 11.88 -27.10
N GLN A 197 -17.14 12.48 -28.24
CA GLN A 197 -18.51 12.86 -28.57
C GLN A 197 -19.42 11.64 -28.87
N SER A 198 -18.84 10.58 -29.44
N SER A 198 -18.87 10.58 -29.46
CA SER A 198 -19.62 9.39 -29.85
CA SER A 198 -19.69 9.42 -29.85
C SER A 198 -19.84 8.36 -28.74
C SER A 198 -19.82 8.33 -28.76
N ALA A 199 -19.07 8.46 -27.65
CA ALA A 199 -19.21 7.55 -26.53
C ALA A 199 -20.58 7.73 -25.87
N PRO A 200 -21.11 6.67 -25.26
CA PRO A 200 -22.36 6.87 -24.49
C PRO A 200 -22.19 7.93 -23.39
N GLU A 201 -23.26 8.65 -23.10
CA GLU A 201 -23.19 9.66 -22.07
CA GLU A 201 -23.22 9.66 -22.06
C GLU A 201 -22.79 9.04 -20.73
N LYS A 202 -22.19 9.86 -19.87
CA LYS A 202 -21.70 9.44 -18.54
C LYS A 202 -20.67 8.32 -18.62
N SER A 203 -19.82 8.39 -19.64
CA SER A 203 -18.69 7.49 -19.74
C SER A 203 -17.50 8.09 -18.95
N ILE A 204 -16.48 7.28 -18.67
CA ILE A 204 -15.32 7.70 -17.91
C ILE A 204 -14.11 7.80 -18.85
N PHE A 205 -13.42 8.94 -18.82
CA PHE A 205 -12.25 9.12 -19.68
C PHE A 205 -11.04 9.32 -18.83
N LEU A 206 -10.05 8.46 -19.03
CA LEU A 206 -8.76 8.63 -18.36
C LEU A 206 -7.92 9.61 -19.15
N PHE A 207 -7.42 10.63 -18.45
CA PHE A 207 -6.61 11.68 -19.05
C PHE A 207 -5.36 11.79 -18.26
N HIS A 208 -4.25 12.02 -18.93
CA HIS A 208 -3.05 12.49 -18.25
C HIS A 208 -3.14 14.01 -18.11
N ALA A 209 -2.89 14.53 -16.92
CA ALA A 209 -3.06 15.96 -16.64
C ALA A 209 -2.07 16.81 -17.43
N CYS A 210 -0.85 16.31 -17.56
CA CYS A 210 0.24 16.93 -18.31
C CYS A 210 1.34 15.91 -18.46
N ALA A 211 2.30 16.15 -19.35
CA ALA A 211 3.44 15.23 -19.55
C ALA A 211 2.95 13.80 -19.81
N HIS A 212 2.05 13.64 -20.78
CA HIS A 212 1.56 12.34 -21.16
C HIS A 212 2.71 11.34 -21.32
N ASN A 213 2.51 10.18 -20.72
CA ASN A 213 3.52 9.11 -20.63
C ASN A 213 2.93 7.95 -21.42
N PRO A 214 3.56 7.52 -22.53
CA PRO A 214 4.98 7.72 -22.87
C PRO A 214 5.32 8.78 -23.92
N SER A 215 4.31 9.41 -24.52
CA SER A 215 4.46 10.14 -25.83
C SER A 215 5.10 11.50 -25.68
N GLY A 216 4.83 12.16 -24.55
CA GLY A 216 5.39 13.50 -24.29
C GLY A 216 4.69 14.56 -25.12
N ILE A 217 3.57 14.19 -25.73
CA ILE A 217 2.73 15.12 -26.51
C ILE A 217 1.45 15.33 -25.69
N ASP A 218 1.10 16.59 -25.44
CA ASP A 218 -0.03 16.93 -24.58
C ASP A 218 -1.08 17.67 -25.41
N PHE A 219 -2.33 17.60 -24.99
CA PHE A 219 -3.33 18.59 -25.42
C PHE A 219 -2.83 19.97 -25.03
N THR A 220 -2.96 20.92 -25.95
CA THR A 220 -2.71 22.32 -25.61
C THR A 220 -3.86 22.95 -24.81
N GLU A 221 -3.63 24.12 -24.23
CA GLU A 221 -4.72 24.79 -23.51
C GLU A 221 -5.91 24.94 -24.45
N ALA A 222 -5.67 25.28 -25.69
CA ALA A 222 -6.76 25.46 -26.65
C ALA A 222 -7.52 24.15 -26.90
N GLN A 223 -6.79 23.05 -27.00
CA GLN A 223 -7.41 21.73 -27.19
C GLN A 223 -8.21 21.32 -25.96
N TRP A 224 -7.65 21.54 -24.79
CA TRP A 224 -8.42 21.24 -23.55
C TRP A 224 -9.72 22.05 -23.54
N LYS A 225 -9.67 23.32 -23.94
CA LYS A 225 -10.87 24.14 -23.94
C LYS A 225 -11.94 23.65 -24.92
N GLU A 226 -11.53 23.01 -26.00
CA GLU A 226 -12.46 22.38 -26.95
C GLU A 226 -13.13 21.12 -26.35
N LEU A 227 -12.40 20.38 -25.54
CA LEU A 227 -12.93 19.15 -24.92
C LEU A 227 -13.96 19.50 -23.85
N LEU A 228 -13.77 20.63 -23.18
CA LEU A 228 -14.68 21.07 -22.10
C LEU A 228 -16.19 20.96 -22.43
N PRO A 229 -16.68 21.67 -23.45
CA PRO A 229 -18.11 21.56 -23.78
C PRO A 229 -18.61 20.15 -24.17
N ILE A 230 -17.73 19.30 -24.73
CA ILE A 230 -18.10 17.94 -25.10
C ILE A 230 -18.36 17.16 -23.79
N MET A 231 -17.45 17.34 -22.84
CA MET A 231 -17.50 16.68 -21.55
C MET A 231 -18.75 17.13 -20.77
N LYS A 232 -19.05 18.42 -20.83
CA LYS A 232 -20.25 18.99 -20.21
C LYS A 232 -21.50 18.45 -20.88
N GLU A 233 -21.54 18.53 -22.21
CA GLU A 233 -22.72 18.10 -22.99
C GLU A 233 -23.02 16.62 -22.81
N LYS A 234 -21.98 15.80 -22.81
CA LYS A 234 -22.12 14.34 -22.65
C LYS A 234 -22.15 13.85 -21.19
N LYS A 235 -21.92 14.77 -20.25
CA LYS A 235 -21.88 14.47 -18.82
C LYS A 235 -20.87 13.35 -18.47
N HIS A 236 -19.73 13.34 -19.16
CA HIS A 236 -18.67 12.38 -18.93
C HIS A 236 -17.95 12.73 -17.64
N ILE A 237 -17.31 11.72 -17.07
CA ILE A 237 -16.42 11.87 -15.93
C ILE A 237 -14.98 11.88 -16.44
N ALA A 238 -14.18 12.82 -15.96
CA ALA A 238 -12.76 12.87 -16.30
C ALA A 238 -11.98 12.27 -15.15
N PHE A 239 -11.17 11.25 -15.44
CA PHE A 239 -10.27 10.69 -14.46
C PHE A 239 -8.86 11.17 -14.85
N PHE A 240 -8.30 12.06 -14.05
CA PHE A 240 -6.97 12.59 -14.30
C PHE A 240 -5.93 11.76 -13.56
N ASP A 241 -4.91 11.31 -14.30
CA ASP A 241 -3.68 10.79 -13.72
C ASP A 241 -2.68 11.94 -13.73
N SER A 242 -2.22 12.32 -12.54
CA SER A 242 -1.39 13.49 -12.42
C SER A 242 -0.14 13.20 -11.58
N ALA A 243 0.92 12.85 -12.27
CA ALA A 243 2.17 12.51 -11.64
C ALA A 243 3.27 13.51 -11.92
N TYR A 244 3.07 14.41 -12.88
CA TYR A 244 4.15 15.27 -13.38
C TYR A 244 3.95 16.76 -13.24
N GLN A 245 3.09 17.14 -12.31
CA GLN A 245 2.82 18.54 -12.04
C GLN A 245 4.14 19.16 -11.58
N GLY A 246 4.58 20.20 -12.29
CA GLY A 246 5.92 20.78 -12.09
C GLY A 246 6.92 20.45 -13.22
N PHE A 247 6.68 19.36 -13.98
CA PHE A 247 7.61 18.97 -15.05
C PHE A 247 7.16 19.30 -16.49
N ALA A 248 5.97 19.85 -16.67
CA ALA A 248 5.49 20.14 -18.04
C ALA A 248 5.96 21.54 -18.44
N THR A 249 5.25 22.56 -17.97
CA THR A 249 5.68 23.94 -18.12
C THR A 249 6.66 24.37 -17.00
N GLY A 250 6.94 23.51 -16.01
CA GLY A 250 7.79 23.93 -14.86
C GLY A 250 7.10 24.75 -13.74
N SER A 251 5.80 25.05 -13.94
CA SER A 251 4.95 25.77 -12.98
C SER A 251 3.82 24.89 -12.50
N PHE A 252 3.69 24.72 -11.17
CA PHE A 252 2.62 23.91 -10.61
C PHE A 252 1.27 24.35 -11.04
N GLU A 253 1.05 25.66 -10.97
CA GLU A 253 -0.25 26.21 -11.34
C GLU A 253 -0.60 25.85 -12.77
N ALA A 254 0.32 26.17 -13.69
CA ALA A 254 0.05 25.90 -15.08
C ALA A 254 -0.11 24.41 -15.31
N ASP A 255 0.75 23.58 -14.73
CA ASP A 255 0.59 22.17 -15.01
C ASP A 255 -0.76 21.58 -14.53
N ALA A 256 -1.48 22.24 -13.63
CA ALA A 256 -2.82 21.75 -13.24
C ALA A 256 -3.97 22.43 -14.02
N PHE A 257 -3.62 23.20 -15.04
CA PHE A 257 -4.63 23.88 -15.88
C PHE A 257 -5.89 23.07 -16.20
N ALA A 258 -5.69 21.87 -16.72
CA ALA A 258 -6.78 21.09 -17.30
C ALA A 258 -7.71 20.64 -16.21
N VAL A 259 -7.12 20.27 -15.08
CA VAL A 259 -7.88 19.78 -13.92
C VAL A 259 -8.70 20.94 -13.35
N ARG A 260 -8.04 22.09 -13.12
CA ARG A 260 -8.73 23.26 -12.52
C ARG A 260 -9.84 23.81 -13.43
N MET A 261 -9.56 23.92 -14.73
CA MET A 261 -10.55 24.35 -15.72
CA MET A 261 -10.54 24.34 -15.73
C MET A 261 -11.78 23.44 -15.77
N PHE A 262 -11.55 22.14 -15.78
CA PHE A 262 -12.65 21.18 -15.82
C PHE A 262 -13.51 21.31 -14.56
N VAL A 263 -12.88 21.40 -13.40
CA VAL A 263 -13.61 21.52 -12.13
C VAL A 263 -14.41 22.84 -12.05
N ASP A 264 -13.78 23.95 -12.43
CA ASP A 264 -14.41 25.26 -12.41
C ASP A 264 -15.62 25.32 -13.35
N ALA A 265 -15.56 24.56 -14.45
CA ALA A 265 -16.68 24.45 -15.38
C ALA A 265 -17.80 23.47 -14.94
N GLY A 266 -17.59 22.72 -13.84
CA GLY A 266 -18.58 21.77 -13.36
C GLY A 266 -18.50 20.37 -13.95
N VAL A 267 -17.36 20.02 -14.52
CA VAL A 267 -17.14 18.67 -14.95
C VAL A 267 -16.78 17.90 -13.70
N GLU A 268 -17.36 16.73 -13.54
CA GLU A 268 -17.06 15.92 -12.36
C GLU A 268 -15.79 15.11 -12.65
N VAL A 269 -14.80 15.21 -11.74
CA VAL A 269 -13.50 14.61 -11.97
C VAL A 269 -13.02 13.74 -10.82
N LEU A 270 -12.17 12.77 -11.13
CA LEU A 270 -11.26 12.20 -10.17
C LEU A 270 -9.82 12.62 -10.55
N VAL A 271 -8.95 12.68 -9.55
CA VAL A 271 -7.52 12.94 -9.74
C VAL A 271 -6.74 11.92 -8.89
N ALA A 272 -5.88 11.17 -9.56
CA ALA A 272 -4.90 10.30 -8.89
C ALA A 272 -3.59 11.06 -8.88
N GLN A 273 -3.19 11.52 -7.71
CA GLN A 273 -2.09 12.50 -7.57
C GLN A 273 -0.87 11.86 -6.94
N SER A 274 0.22 11.76 -7.69
CA SER A 274 1.49 11.13 -7.20
C SER A 274 2.51 12.19 -6.79
N PHE A 275 3.18 11.94 -5.67
CA PHE A 275 4.34 12.74 -5.24
C PHE A 275 5.68 11.98 -5.42
N SER A 276 5.67 10.94 -6.24
CA SER A 276 6.90 10.18 -6.51
C SER A 276 7.96 11.00 -7.26
N LYS A 277 7.52 11.78 -8.24
CA LYS A 277 8.47 12.45 -9.11
C LYS A 277 8.71 13.89 -8.69
N ASN A 278 7.64 14.66 -8.48
CA ASN A 278 7.85 16.05 -8.10
C ASN A 278 8.52 16.23 -6.72
N PHE A 279 8.16 15.43 -5.72
CA PHE A 279 8.88 15.49 -4.44
C PHE A 279 10.06 14.54 -4.38
N GLY A 280 10.24 13.71 -5.41
CA GLY A 280 11.29 12.68 -5.39
C GLY A 280 11.09 11.62 -4.30
N LEU A 281 9.82 11.29 -3.99
CA LEU A 281 9.51 10.36 -2.91
C LEU A 281 9.10 8.99 -3.44
N TYR A 282 9.60 8.65 -4.63
CA TYR A 282 9.37 7.36 -5.30
C TYR A 282 9.04 6.19 -4.37
N GLY A 283 10.02 5.79 -3.57
CA GLY A 283 9.87 4.66 -2.64
C GLY A 283 9.02 4.81 -1.38
N GLU A 284 8.73 6.04 -0.92
CA GLU A 284 7.84 6.26 0.22
C GLU A 284 6.39 5.88 -0.07
N ARG A 285 6.02 5.85 -1.35
CA ARG A 285 4.66 5.49 -1.80
C ARG A 285 3.56 6.45 -1.29
N ILE A 286 3.66 7.69 -1.70
CA ILE A 286 2.83 8.76 -1.17
C ILE A 286 2.12 9.48 -2.30
N GLY A 287 0.80 9.50 -2.19
CA GLY A 287 -0.06 10.18 -3.14
C GLY A 287 -1.44 10.40 -2.53
N CYS A 288 -2.36 10.92 -3.35
CA CYS A 288 -3.71 11.23 -2.89
C CYS A 288 -4.70 11.05 -4.03
N LEU A 289 -5.86 10.52 -3.67
CA LEU A 289 -7.02 10.37 -4.57
C LEU A 289 -8.04 11.46 -4.24
N HIS A 290 -8.52 12.15 -5.27
CA HIS A 290 -9.59 13.14 -5.12
C HIS A 290 -10.77 12.82 -6.04
N VAL A 291 -11.99 13.00 -5.51
CA VAL A 291 -13.20 13.00 -6.30
C VAL A 291 -13.77 14.40 -6.08
N VAL A 292 -13.97 15.12 -7.18
CA VAL A 292 -14.63 16.45 -7.10
C VAL A 292 -16.02 16.41 -7.78
N HIS A 293 -17.09 16.40 -6.98
CA HIS A 293 -18.45 16.36 -7.54
C HIS A 293 -18.90 17.77 -7.91
N ALA A 294 -19.99 17.86 -8.66
CA ALA A 294 -20.45 19.11 -9.23
C ALA A 294 -20.98 20.14 -8.20
N GLY A 295 -21.18 19.72 -6.96
CA GLY A 295 -21.65 20.61 -5.90
C GLY A 295 -23.08 21.11 -6.10
N VAL A 296 -23.96 20.24 -6.56
CA VAL A 296 -25.36 20.59 -6.77
C VAL A 296 -26.27 19.90 -5.74
N GLU A 297 -25.74 19.57 -4.57
CA GLU A 297 -26.54 18.83 -3.57
C GLU A 297 -27.55 19.74 -2.84
N GLY A 298 -27.40 21.06 -3.01
CA GLY A 298 -28.37 22.02 -2.51
C GLY A 298 -27.87 22.99 -1.47
N SER A 299 -26.70 22.73 -0.93
CA SER A 299 -26.05 23.61 0.05
C SER A 299 -24.59 23.24 0.20
N VAL A 300 -23.79 24.12 0.79
CA VAL A 300 -22.40 23.74 1.05
C VAL A 300 -22.33 22.51 2.00
N GLU A 301 -23.22 22.45 2.99
CA GLU A 301 -23.19 21.38 3.99
C GLU A 301 -23.52 20.01 3.34
N LYS A 302 -24.51 20.03 2.44
CA LYS A 302 -24.90 18.83 1.73
C LYS A 302 -23.81 18.39 0.75
N ASN A 303 -23.15 19.37 0.12
CA ASN A 303 -21.98 19.06 -0.73
C ASN A 303 -20.91 18.35 0.08
N LYS A 304 -20.63 18.89 1.27
CA LYS A 304 -19.63 18.31 2.19
C LYS A 304 -20.04 16.93 2.71
N ALA A 305 -21.34 16.75 2.97
CA ALA A 305 -21.83 15.43 3.39
C ALA A 305 -21.61 14.38 2.27
N LEU A 306 -21.84 14.76 1.01
CA LEU A 306 -21.63 13.85 -0.12
C LEU A 306 -20.12 13.55 -0.22
N SER A 307 -19.31 14.61 -0.15
CA SER A 307 -17.87 14.39 -0.24
C SER A 307 -17.39 13.41 0.85
N ALA A 308 -17.91 13.60 2.06
CA ALA A 308 -17.50 12.75 3.19
C ALA A 308 -17.94 11.31 2.99
N ALA A 309 -19.13 11.11 2.41
CA ALA A 309 -19.65 9.78 2.12
C ALA A 309 -18.73 9.09 1.11
N MET A 310 -18.32 9.85 0.09
CA MET A 310 -17.38 9.31 -0.89
C MET A 310 -16.05 8.96 -0.24
N VAL A 311 -15.54 9.83 0.64
CA VAL A 311 -14.34 9.49 1.39
C VAL A 311 -14.55 8.20 2.19
N SER A 312 -15.70 8.09 2.85
CA SER A 312 -16.04 6.88 3.63
C SER A 312 -15.96 5.59 2.76
N GLY A 313 -16.38 5.67 1.50
CA GLY A 313 -16.28 4.50 0.62
C GLY A 313 -14.84 4.20 0.25
N MET A 314 -14.08 5.23 -0.14
CA MET A 314 -12.65 5.00 -0.45
C MET A 314 -11.92 4.33 0.73
N THR A 315 -12.20 4.81 1.95
CA THR A 315 -11.48 4.29 3.12
C THR A 315 -11.92 2.88 3.47
N LEU A 316 -13.15 2.55 3.13
CA LEU A 316 -13.62 1.19 3.32
C LEU A 316 -12.87 0.27 2.32
N GLN A 317 -12.72 0.73 1.07
CA GLN A 317 -11.95 -0.03 0.08
C GLN A 317 -10.55 -0.29 0.57
N ILE A 318 -9.92 0.78 1.05
CA ILE A 318 -8.55 0.70 1.51
C ILE A 318 -8.41 -0.24 2.72
N ARG A 319 -9.38 -0.17 3.63
CA ARG A 319 -9.42 -1.02 4.84
C ARG A 319 -9.24 -2.47 4.48
N LYS A 320 -9.95 -2.90 3.42
CA LYS A 320 -9.91 -4.26 2.91
C LYS A 320 -8.70 -4.62 2.07
N THR A 321 -7.82 -3.67 1.82
CA THR A 321 -6.70 -3.83 0.92
C THR A 321 -5.37 -3.72 1.63
N TRP A 322 -5.15 -2.59 2.30
CA TRP A 322 -3.94 -2.35 3.08
C TRP A 322 -4.15 -1.58 4.40
N SER A 323 -5.41 -1.54 4.86
CA SER A 323 -5.85 -0.98 6.13
C SER A 323 -5.86 0.55 6.18
N MET A 324 -4.68 1.16 6.17
CA MET A 324 -4.59 2.60 5.88
C MET A 324 -3.19 2.86 5.33
N SER A 325 -2.94 4.11 4.95
CA SER A 325 -1.84 4.41 4.05
C SER A 325 -0.57 4.78 4.85
N ALA A 326 0.53 5.02 4.16
CA ALA A 326 1.84 5.05 4.80
C ALA A 326 2.26 6.46 5.24
N ILE A 327 2.71 6.59 6.46
CA ILE A 327 2.87 7.90 7.09
C ILE A 327 4.08 8.72 6.65
N HIS A 328 5.18 8.09 6.29
CA HIS A 328 6.44 8.82 6.19
C HIS A 328 6.45 9.85 5.08
N GLY A 329 5.97 9.44 3.90
CA GLY A 329 5.85 10.39 2.81
C GLY A 329 4.84 11.48 3.08
N ALA A 330 3.76 11.14 3.76
CA ALA A 330 2.71 12.13 4.14
C ALA A 330 3.28 13.23 5.05
N TYR A 331 4.06 12.82 6.01
CA TYR A 331 4.81 13.76 6.88
C TYR A 331 5.72 14.69 6.07
N ILE A 332 6.47 14.13 5.12
CA ILE A 332 7.37 14.99 4.34
C ILE A 332 6.58 16.06 3.57
N VAL A 333 5.55 15.62 2.83
CA VAL A 333 4.76 16.53 2.01
C VAL A 333 4.09 17.64 2.83
N GLN A 334 3.47 17.27 3.94
CA GLN A 334 2.74 18.23 4.74
C GLN A 334 3.71 19.23 5.40
N VAL A 335 4.85 18.74 5.85
CA VAL A 335 5.86 19.62 6.49
C VAL A 335 6.39 20.69 5.49
N ILE A 336 6.64 20.26 4.26
CA ILE A 336 7.08 21.15 3.20
C ILE A 336 5.98 22.19 2.88
N VAL A 337 4.79 21.69 2.57
CA VAL A 337 3.73 22.56 2.02
C VAL A 337 3.24 23.64 3.01
N HIS A 338 3.23 23.33 4.29
CA HIS A 338 2.73 24.28 5.30
C HIS A 338 3.82 25.17 5.89
N ASP A 339 5.06 25.06 5.40
CA ASP A 339 6.12 26.00 5.81
C ASP A 339 6.45 26.86 4.58
N LYS A 340 6.23 28.17 4.69
CA LYS A 340 6.40 29.08 3.57
C LYS A 340 7.80 28.96 2.94
N ARG A 341 8.86 28.90 3.77
CA ARG A 341 10.24 28.78 3.27
C ARG A 341 10.48 27.45 2.56
N LEU A 342 10.03 26.36 3.16
CA LEU A 342 10.21 25.06 2.51
C LEU A 342 9.39 24.92 1.23
N LEU A 343 8.19 25.50 1.20
CA LEU A 343 7.36 25.43 -0.02
C LEU A 343 8.06 26.16 -1.13
N GLN A 344 8.58 27.35 -0.85
CA GLN A 344 9.34 28.07 -1.87
C GLN A 344 10.58 27.29 -2.33
N MET A 345 11.29 26.71 -1.37
CA MET A 345 12.44 25.87 -1.67
C MET A 345 12.00 24.71 -2.57
N PHE A 346 10.93 24.05 -2.20
CA PHE A 346 10.36 22.98 -3.04
C PHE A 346 10.12 23.43 -4.47
N TYR A 347 9.45 24.56 -4.64
CA TYR A 347 9.17 25.05 -6.00
C TYR A 347 10.43 25.31 -6.81
N ASP A 348 11.44 25.94 -6.18
CA ASP A 348 12.77 26.18 -6.77
C ASP A 348 13.44 24.84 -7.15
N ASN A 349 13.30 23.84 -6.27
CA ASN A 349 13.93 22.53 -6.48
C ASN A 349 13.36 21.82 -7.72
N VAL A 350 12.03 21.82 -7.85
CA VAL A 350 11.35 21.25 -9.02
C VAL A 350 11.77 22.00 -10.33
N LYS A 351 11.83 23.33 -10.29
CA LYS A 351 12.34 24.11 -11.45
C LYS A 351 13.78 23.70 -11.83
N GLU A 352 14.65 23.48 -10.83
CA GLU A 352 16.02 23.00 -11.08
C GLU A 352 16.01 21.65 -11.81
N MET A 353 15.14 20.72 -11.39
CA MET A 353 15.01 19.46 -12.08
C MET A 353 14.54 19.67 -13.52
N SER A 354 13.54 20.51 -13.74
CA SER A 354 13.04 20.74 -15.11
C SER A 354 14.13 21.35 -15.97
N ALA A 355 14.89 22.25 -15.37
CA ALA A 355 15.92 22.96 -16.08
C ALA A 355 17.01 21.99 -16.53
N ARG A 356 17.39 21.05 -15.67
CA ARG A 356 18.43 20.09 -16.06
C ARG A 356 17.99 19.19 -17.21
N ILE A 357 16.72 18.81 -17.17
CA ILE A 357 16.14 18.00 -18.20
C ILE A 357 16.19 18.73 -19.54
N HIS A 358 15.79 20.00 -19.55
CA HIS A 358 15.89 20.78 -20.76
C HIS A 358 17.32 20.86 -21.28
N ARG A 359 18.28 21.16 -20.43
CA ARG A 359 19.68 21.21 -20.87
C ARG A 359 20.17 19.87 -21.48
N MET A 360 19.70 18.75 -20.95
CA MET A 360 20.01 17.43 -21.50
C MET A 360 19.28 17.19 -22.83
N ARG A 361 18.06 17.65 -22.98
CA ARG A 361 17.40 17.61 -24.29
C ARG A 361 18.23 18.34 -25.35
N SER A 362 18.68 19.55 -25.03
CA SER A 362 19.51 20.34 -25.95
C SER A 362 20.83 19.67 -26.23
N LEU A 363 21.49 19.14 -25.18
CA LEU A 363 22.80 18.54 -25.38
C LEU A 363 22.70 17.28 -26.21
N LEU A 364 21.74 16.41 -25.91
CA LEU A 364 21.64 15.16 -26.69
C LEU A 364 21.32 15.53 -28.14
N HIS A 365 20.40 16.47 -28.35
CA HIS A 365 19.99 16.87 -29.71
C HIS A 365 21.16 17.45 -30.50
N ALA A 366 21.95 18.30 -29.85
CA ALA A 366 23.15 18.85 -30.46
C ALA A 366 24.13 17.75 -30.84
N SER A 367 24.26 16.72 -29.98
CA SER A 367 25.24 15.68 -30.21
C SER A 367 24.80 14.78 -31.39
N LEU A 368 23.49 14.59 -31.54
CA LEU A 368 22.94 13.87 -32.71
C LEU A 368 23.05 14.72 -33.99
N ALA A 369 22.74 16.01 -33.88
CA ALA A 369 22.76 16.92 -35.03
C ALA A 369 24.17 17.06 -35.61
N LYS A 370 25.19 17.09 -34.73
CA LYS A 370 26.58 17.23 -35.15
C LYS A 370 27.05 16.01 -35.95
N ARG A 371 26.44 14.85 -35.71
CA ARG A 371 26.80 13.62 -36.44
C ARG A 371 25.89 13.37 -37.64
N LYS A 372 25.02 14.31 -37.96
CA LYS A 372 24.03 14.09 -39.01
C LYS A 372 23.34 12.73 -38.83
N THR A 373 23.10 12.32 -37.59
CA THR A 373 22.47 11.04 -37.31
C THR A 373 21.03 10.94 -37.89
N PRO A 374 20.80 9.97 -38.81
CA PRO A 374 19.45 9.73 -39.33
C PRO A 374 18.44 9.51 -38.19
N GLY A 375 17.23 10.06 -38.38
CA GLY A 375 16.14 9.98 -37.39
C GLY A 375 14.94 9.23 -37.90
N PRO A 376 13.96 8.99 -37.01
CA PRO A 376 12.81 8.19 -37.36
C PRO A 376 11.76 9.03 -38.07
N GLY A 377 10.69 8.41 -38.52
CA GLY A 377 9.59 9.20 -39.08
C GLY A 377 9.85 9.71 -40.49
N SER A 378 8.82 10.35 -41.03
CA SER A 378 8.91 10.89 -42.35
C SER A 378 9.98 11.97 -42.44
N LYS A 379 10.06 12.78 -41.40
CA LYS A 379 11.03 13.87 -41.41
C LYS A 379 12.46 13.38 -41.26
N GLY A 380 12.63 12.27 -40.53
CA GLY A 380 13.95 11.68 -40.24
C GLY A 380 14.83 12.54 -39.31
N THR A 381 14.23 13.38 -38.49
CA THR A 381 15.04 14.23 -37.62
C THR A 381 14.83 13.83 -36.16
N TRP A 382 15.59 14.49 -35.28
CA TRP A 382 15.61 14.26 -33.86
C TRP A 382 15.02 15.43 -33.05
N ASP A 383 14.41 16.39 -33.74
CA ASP A 383 13.81 17.55 -33.10
C ASP A 383 12.80 17.24 -31.95
N HIS A 384 12.14 16.10 -32.01
CA HIS A 384 11.17 15.74 -31.01
C HIS A 384 11.80 15.51 -29.65
N ILE A 385 13.13 15.28 -29.61
CA ILE A 385 13.92 15.36 -28.37
C ILE A 385 13.75 16.70 -27.64
N LEU A 386 13.63 17.77 -28.39
CA LEU A 386 13.58 19.11 -27.80
C LEU A 386 12.18 19.48 -27.29
N THR A 387 11.13 18.96 -27.91
CA THR A 387 9.78 19.47 -27.75
C THR A 387 8.88 18.60 -26.86
N ALA A 388 9.35 17.40 -26.54
CA ALA A 388 8.67 16.47 -25.66
C ALA A 388 8.45 17.15 -24.34
N ILE A 389 7.31 16.87 -23.73
CA ILE A 389 6.94 17.44 -22.43
C ILE A 389 7.15 16.41 -21.35
N GLY A 390 7.85 16.82 -20.28
CA GLY A 390 8.07 15.95 -19.15
C GLY A 390 9.47 15.37 -19.08
N MET A 391 9.53 14.15 -18.57
CA MET A 391 10.79 13.46 -18.40
C MET A 391 11.30 12.68 -19.60
N PHE A 392 10.41 12.35 -20.55
CA PHE A 392 10.77 11.38 -21.57
C PHE A 392 10.86 11.98 -22.98
N THR A 393 11.50 11.21 -23.86
CA THR A 393 11.31 11.35 -25.28
C THR A 393 10.80 10.01 -25.81
N PHE A 394 9.72 10.04 -26.57
CA PHE A 394 9.25 8.86 -27.27
C PHE A 394 10.09 8.81 -28.51
N THR A 395 11.26 8.18 -28.43
CA THR A 395 12.27 8.39 -29.48
C THR A 395 11.90 7.84 -30.87
N GLY A 396 11.15 6.75 -30.92
CA GLY A 396 10.93 6.05 -32.18
C GLY A 396 12.06 5.07 -32.53
N LEU A 397 13.11 4.97 -31.73
CA LEU A 397 14.03 3.83 -31.93
C LEU A 397 13.21 2.56 -31.82
N THR A 398 13.55 1.57 -32.67
CA THR A 398 12.76 0.37 -32.86
C THR A 398 13.15 -0.65 -31.78
N PRO A 399 12.39 -1.73 -31.61
CA PRO A 399 12.82 -2.70 -30.60
C PRO A 399 14.22 -3.29 -30.88
N GLU A 400 14.57 -3.43 -32.16
CA GLU A 400 15.89 -3.91 -32.58
C GLU A 400 16.98 -2.93 -32.13
N HIS A 401 16.72 -1.64 -32.32
CA HIS A 401 17.63 -0.61 -31.83
C HIS A 401 17.82 -0.66 -30.32
N VAL A 402 16.71 -0.81 -29.58
CA VAL A 402 16.74 -0.77 -28.10
C VAL A 402 17.55 -1.97 -27.60
N ASP A 403 17.28 -3.14 -28.16
CA ASP A 403 18.04 -4.35 -27.76
C ASP A 403 19.54 -4.21 -28.12
N TYR A 404 19.83 -3.66 -29.29
CA TYR A 404 21.21 -3.44 -29.70
C TYR A 404 21.90 -2.45 -28.74
N LEU A 405 21.21 -1.36 -28.38
CA LEU A 405 21.82 -0.35 -27.49
C LEU A 405 22.16 -0.94 -26.12
N LYS A 406 21.28 -1.79 -25.63
CA LYS A 406 21.52 -2.51 -24.40
C LYS A 406 22.72 -3.47 -24.52
N GLU A 407 22.72 -4.35 -25.52
CA GLU A 407 23.76 -5.42 -25.63
C GLU A 407 25.15 -4.87 -25.97
N LYS A 408 25.19 -3.99 -26.97
CA LYS A 408 26.46 -3.46 -27.47
C LYS A 408 26.94 -2.22 -26.71
N TRP A 409 26.03 -1.37 -26.19
CA TRP A 409 26.45 -0.10 -25.54
C TRP A 409 26.07 0.08 -24.05
N SER A 410 25.41 -0.92 -23.49
CA SER A 410 24.88 -0.89 -22.11
C SER A 410 24.06 0.38 -21.83
N ILE A 411 23.25 0.79 -22.80
CA ILE A 411 22.30 1.87 -22.63
C ILE A 411 20.89 1.28 -22.52
N TYR A 412 20.18 1.59 -21.43
CA TYR A 412 18.87 0.97 -21.11
C TYR A 412 17.69 1.92 -21.37
N LEU A 413 16.93 1.57 -22.40
CA LEU A 413 15.72 2.26 -22.81
C LEU A 413 14.55 1.33 -22.72
N VAL A 414 13.36 1.91 -22.63
CA VAL A 414 12.13 1.17 -22.76
C VAL A 414 11.92 0.71 -24.19
N LYS A 415 11.68 -0.58 -24.35
CA LYS A 415 11.51 -1.18 -25.65
C LYS A 415 10.33 -0.57 -26.42
N ALA A 416 9.17 -0.45 -25.77
CA ALA A 416 7.98 0.22 -26.37
C ALA A 416 8.26 1.67 -26.78
N GLY A 417 8.30 1.92 -28.08
CA GLY A 417 8.51 3.26 -28.61
C GLY A 417 9.90 3.83 -28.44
N GLY A 418 10.79 3.04 -27.87
CA GLY A 418 12.09 3.55 -27.49
C GLY A 418 11.98 4.74 -26.55
N ARG A 419 11.07 4.67 -25.59
CA ARG A 419 10.91 5.71 -24.60
C ARG A 419 12.24 5.90 -23.85
N MET A 420 12.72 7.13 -23.80
CA MET A 420 13.95 7.47 -23.13
C MET A 420 13.73 8.46 -21.98
N SER A 421 14.23 8.11 -20.80
CA SER A 421 14.20 8.99 -19.65
C SER A 421 15.39 9.90 -19.73
N MET A 422 15.11 11.16 -19.99
CA MET A 422 16.12 12.18 -20.19
C MET A 422 16.91 12.44 -18.92
N CYS A 423 16.29 12.12 -17.78
CA CYS A 423 16.88 12.24 -16.43
C CYS A 423 18.16 11.44 -16.23
N GLY A 424 18.31 10.37 -17.02
CA GLY A 424 19.56 9.57 -17.00
C GLY A 424 20.74 10.13 -17.79
N LEU A 425 20.54 11.23 -18.52
CA LEU A 425 21.61 11.86 -19.28
C LEU A 425 22.35 12.83 -18.41
N THR A 426 23.64 12.99 -18.71
CA THR A 426 24.51 13.95 -18.04
C THR A 426 25.41 14.62 -19.05
N GLU A 427 26.09 15.66 -18.63
CA GLU A 427 27.10 16.26 -19.48
C GLU A 427 28.16 15.24 -19.92
N SER A 428 28.47 14.29 -19.06
CA SER A 428 29.52 13.32 -19.32
C SER A 428 29.13 12.22 -20.29
N ASN A 429 27.83 11.85 -20.27
CA ASN A 429 27.36 10.72 -21.05
C ASN A 429 26.51 10.99 -22.30
N CYS A 430 26.11 12.24 -22.57
CA CYS A 430 25.24 12.50 -23.73
C CYS A 430 25.92 12.11 -25.04
N ASP A 431 27.18 12.48 -25.20
CA ASP A 431 27.84 12.21 -26.47
C ASP A 431 28.01 10.72 -26.66
N TYR A 432 28.21 10.01 -25.57
CA TYR A 432 28.25 8.55 -25.63
C TYR A 432 26.91 8.00 -26.13
N VAL A 433 25.82 8.49 -25.56
CA VAL A 433 24.46 8.05 -25.96
C VAL A 433 24.22 8.37 -27.42
N ALA A 434 24.64 9.55 -27.87
CA ALA A 434 24.48 9.90 -29.28
C ALA A 434 25.34 9.03 -30.26
N GLU A 435 26.62 8.83 -29.93
CA GLU A 435 27.48 7.87 -30.67
C GLU A 435 26.86 6.48 -30.78
N ALA A 436 26.24 6.02 -29.69
CA ALA A 436 25.60 4.72 -29.68
C ALA A 436 24.38 4.69 -30.57
N ILE A 437 23.57 5.75 -30.50
CA ILE A 437 22.36 5.83 -31.32
C ILE A 437 22.75 5.89 -32.82
N HIS A 438 23.83 6.60 -33.10
CA HIS A 438 24.32 6.71 -34.48
C HIS A 438 24.74 5.36 -35.03
N ASP A 439 25.41 4.59 -34.18
CA ASP A 439 25.88 3.27 -34.52
C ASP A 439 24.69 2.34 -34.77
N ALA A 440 23.72 2.32 -33.84
CA ALA A 440 22.52 1.47 -33.98
C ALA A 440 21.73 1.73 -35.25
N VAL A 441 21.59 3.01 -35.59
CA VAL A 441 20.74 3.48 -36.68
C VAL A 441 21.49 3.36 -38.03
N THR A 442 22.81 3.46 -38.01
CA THR A 442 23.60 3.17 -39.21
C THR A 442 23.58 1.67 -39.52
N LYS A 443 23.87 0.82 -38.52
CA LYS A 443 23.75 -0.63 -38.75
C LYS A 443 22.33 -1.10 -39.10
N LEU A 444 21.33 -0.50 -38.47
CA LEU A 444 19.92 -0.92 -38.55
C LEU A 444 19.07 0.27 -39.00
N PRO A 445 19.13 0.61 -40.28
CA PRO A 445 18.42 1.77 -40.82
C PRO A 445 16.91 1.69 -40.63
N PHE A 446 16.25 2.85 -40.52
CA PHE A 446 14.79 2.91 -40.37
C PHE A 446 14.12 2.48 -41.67
N LYS A 447 13.05 1.70 -41.56
CA LYS A 447 12.26 1.25 -42.73
C LYS A 447 11.45 2.39 -43.37
N MET B 22 -28.37 16.21 -9.87
CA MET B 22 -27.77 16.16 -11.24
C MET B 22 -26.25 15.82 -11.15
N SER B 23 -25.79 15.27 -10.01
CA SER B 23 -24.40 14.75 -9.92
C SER B 23 -24.47 13.26 -10.17
N VAL B 24 -23.45 12.70 -10.83
CA VAL B 24 -23.37 11.27 -11.04
C VAL B 24 -23.14 10.56 -9.72
N PHE B 25 -22.72 11.34 -8.70
CA PHE B 25 -22.50 10.81 -7.34
C PHE B 25 -23.64 11.00 -6.34
N SER B 26 -24.77 11.53 -6.80
CA SER B 26 -25.91 11.81 -5.96
C SER B 26 -26.39 10.54 -5.30
N GLY B 27 -26.59 10.60 -3.98
CA GLY B 27 -27.05 9.43 -3.21
C GLY B 27 -25.97 8.44 -2.81
N PHE B 28 -24.70 8.78 -3.05
CA PHE B 28 -23.62 7.95 -2.58
C PHE B 28 -23.76 7.66 -1.06
N PRO B 29 -23.69 6.37 -0.67
CA PRO B 29 -23.92 5.98 0.71
C PRO B 29 -22.73 6.23 1.63
N ALA B 30 -23.03 6.66 2.86
CA ALA B 30 -22.01 6.80 3.92
C ALA B 30 -21.74 5.42 4.48
N SER B 31 -20.49 4.97 4.43
CA SER B 31 -20.13 3.68 5.06
C SER B 31 -19.83 3.94 6.54
N PRO B 32 -20.38 3.13 7.45
CA PRO B 32 -20.05 3.45 8.84
C PRO B 32 -18.54 3.37 9.03
N PRO B 33 -17.99 4.16 9.94
CA PRO B 33 -16.57 3.99 10.20
C PRO B 33 -16.23 2.61 10.81
N ASP B 34 -14.96 2.22 10.66
CA ASP B 34 -14.45 0.96 11.10
C ASP B 34 -14.68 0.87 12.60
N ALA B 35 -15.34 -0.21 13.00
CA ALA B 35 -15.79 -0.35 14.39
C ALA B 35 -14.65 -0.35 15.42
N ILE B 36 -13.42 -0.69 14.98
CA ILE B 36 -12.25 -0.64 15.86
C ILE B 36 -11.49 0.64 15.67
N LEU B 37 -11.07 0.92 14.44
CA LEU B 37 -10.25 2.11 14.23
C LEU B 37 -10.90 3.42 14.70
N ASN B 38 -12.21 3.51 14.52
CA ASN B 38 -12.99 4.72 14.86
C ASN B 38 -12.95 5.01 16.38
N LEU B 39 -12.68 3.98 17.20
CA LEU B 39 -12.61 4.16 18.67
C LEU B 39 -11.55 5.19 19.07
N THR B 40 -10.41 5.14 18.39
CA THR B 40 -9.34 6.11 18.62
C THR B 40 -9.73 7.53 18.22
N VAL B 41 -10.53 7.61 17.16
CA VAL B 41 -11.07 8.88 16.72
C VAL B 41 -12.01 9.47 17.78
N LEU B 42 -12.98 8.68 18.23
CA LEU B 42 -13.93 9.13 19.27
C LEU B 42 -13.21 9.44 20.57
N TYR B 43 -12.20 8.62 20.89
CA TYR B 43 -11.38 8.83 22.06
C TYR B 43 -10.59 10.16 22.01
N ASN B 44 -9.91 10.40 20.89
CA ASN B 44 -9.13 11.63 20.75
C ASN B 44 -10.04 12.84 20.87
N ALA B 45 -11.27 12.73 20.38
CA ALA B 45 -12.26 13.82 20.48
C ALA B 45 -12.86 14.05 21.87
N ASP B 46 -12.81 13.04 22.76
CA ASP B 46 -13.44 13.12 24.07
C ASP B 46 -12.62 14.10 24.91
N THR B 47 -13.31 15.04 25.56
CA THR B 47 -12.63 16.06 26.41
C THR B 47 -12.55 15.67 27.88
N ASN B 48 -13.06 14.49 28.25
CA ASN B 48 -12.99 14.03 29.63
C ASN B 48 -11.54 13.70 29.97
N PRO B 49 -10.96 14.39 30.96
CA PRO B 49 -9.58 14.14 31.39
C PRO B 49 -9.32 12.71 31.85
N LYS B 50 -10.35 12.01 32.30
CA LYS B 50 -10.17 10.63 32.79
C LYS B 50 -10.38 9.57 31.70
N LYS B 51 -10.48 10.00 30.43
CA LYS B 51 -10.72 9.07 29.31
C LYS B 51 -9.66 7.98 29.24
N VAL B 52 -10.09 6.79 28.84
CA VAL B 52 -9.20 5.63 28.69
C VAL B 52 -9.45 4.96 27.33
N ASN B 53 -8.39 4.74 26.56
CA ASN B 53 -8.45 4.07 25.25
C ASN B 53 -8.07 2.60 25.36
N LEU B 54 -9.05 1.70 25.28
CA LEU B 54 -8.81 0.24 25.34
C LEU B 54 -9.31 -0.42 24.05
N GLY B 55 -9.21 0.28 22.93
CA GLY B 55 -9.74 -0.20 21.65
C GLY B 55 -8.76 -0.92 20.74
N VAL B 56 -8.22 -0.18 19.79
CA VAL B 56 -7.17 -0.67 18.91
C VAL B 56 -5.96 -1.24 19.67
N GLY B 57 -5.48 -2.37 19.19
CA GLY B 57 -4.33 -3.06 19.75
C GLY B 57 -3.06 -2.30 19.39
N ALA B 58 -2.75 -1.25 20.14
CA ALA B 58 -1.54 -0.49 19.94
C ALA B 58 -0.85 -0.28 21.26
N TYR B 59 0.43 -0.68 21.35
CA TYR B 59 1.16 -0.57 22.60
C TYR B 59 1.17 0.86 23.16
N ARG B 60 1.04 1.00 24.47
CA ARG B 60 1.23 2.28 25.13
C ARG B 60 2.10 2.06 26.33
N ASP B 61 2.92 3.07 26.66
CA ASP B 61 3.80 3.00 27.81
C ASP B 61 3.07 3.25 29.13
N GLU B 62 3.86 3.37 30.21
CA GLU B 62 3.39 3.53 31.58
C GLU B 62 2.52 4.76 31.75
N SER B 63 2.70 5.76 30.89
CA SER B 63 1.94 7.02 30.93
C SER B 63 0.75 7.01 29.97
N GLY B 64 0.51 5.88 29.30
CA GLY B 64 -0.62 5.80 28.40
C GLY B 64 -0.37 6.39 27.03
N LYS B 65 0.90 6.57 26.67
CA LYS B 65 1.29 7.25 25.43
C LYS B 65 1.99 6.30 24.46
N PRO B 66 1.96 6.64 23.14
CA PRO B 66 2.70 5.88 22.19
C PRO B 66 4.17 5.80 22.56
N TRP B 67 4.81 4.71 22.14
CA TRP B 67 6.19 4.39 22.50
C TRP B 67 7.03 3.96 21.30
N ILE B 68 8.11 4.70 21.07
CA ILE B 68 9.05 4.32 20.03
C ILE B 68 10.00 3.37 20.69
N LEU B 69 10.11 2.16 20.14
CA LEU B 69 11.06 1.20 20.67
C LEU B 69 12.46 1.81 20.60
N PRO B 70 13.24 1.65 21.68
CA PRO B 70 14.62 2.14 21.66
C PRO B 70 15.41 1.67 20.40
N ALA B 71 15.24 0.41 19.98
CA ALA B 71 15.88 -0.09 18.72
C ALA B 71 15.44 0.68 17.50
N VAL B 72 14.19 1.12 17.46
CA VAL B 72 13.66 1.90 16.36
C VAL B 72 14.16 3.35 16.40
N LYS B 73 14.23 3.93 17.59
CA LYS B 73 14.85 5.24 17.76
C LYS B 73 16.29 5.25 17.24
N GLU B 74 17.05 4.20 17.55
CA GLU B 74 18.43 4.07 17.06
C GLU B 74 18.50 3.89 15.53
N ALA B 75 17.59 3.07 14.99
CA ALA B 75 17.51 2.86 13.57
C ALA B 75 17.18 4.18 12.87
N GLU B 76 16.23 4.94 13.43
CA GLU B 76 15.91 6.24 12.85
C GLU B 76 17.10 7.15 12.81
N ALA B 77 17.90 7.13 13.86
CA ALA B 77 19.08 8.00 13.91
C ALA B 77 20.06 7.64 12.76
N ILE B 78 20.20 6.34 12.48
CA ILE B 78 21.09 5.85 11.44
C ILE B 78 20.58 6.25 10.06
N ILE B 79 19.32 5.92 9.77
CA ILE B 79 18.85 6.03 8.42
C ILE B 79 18.53 7.49 8.07
N SER B 80 18.20 8.32 9.05
CA SER B 80 17.92 9.75 8.81
C SER B 80 19.24 10.54 8.67
N SER B 81 20.35 9.93 9.08
CA SER B 81 21.67 10.58 9.00
C SER B 81 22.43 10.36 7.69
N ASP B 82 21.95 9.41 6.87
CA ASP B 82 22.62 9.03 5.65
C ASP B 82 21.61 8.79 4.52
N LEU B 83 21.06 9.88 3.97
CA LEU B 83 20.06 9.77 2.90
C LEU B 83 20.63 9.40 1.54
N SER B 84 21.95 9.46 1.38
CA SER B 84 22.58 8.91 0.19
C SER B 84 22.42 7.42 0.13
N LYS B 85 22.76 6.75 1.24
CA LYS B 85 22.61 5.32 1.39
C LYS B 85 21.12 4.95 1.54
N TYR B 86 20.41 5.61 2.45
CA TYR B 86 18.97 5.37 2.62
C TYR B 86 18.18 6.35 1.77
N ASN B 87 18.29 6.21 0.45
CA ASN B 87 17.67 7.17 -0.47
C ASN B 87 16.20 6.82 -0.70
N LYS B 88 15.54 7.57 -1.56
CA LYS B 88 14.08 7.43 -1.66
C LYS B 88 13.60 6.90 -3.00
N GLU B 89 14.47 6.15 -3.68
CA GLU B 89 14.15 5.62 -5.00
C GLU B 89 13.21 4.43 -4.83
N TYR B 90 12.58 4.05 -5.92
CA TYR B 90 11.75 2.86 -5.89
C TYR B 90 12.60 1.67 -5.40
N PRO B 91 12.07 0.89 -4.46
CA PRO B 91 12.75 -0.35 -4.09
C PRO B 91 12.58 -1.45 -5.11
N PRO B 92 13.36 -2.54 -4.98
CA PRO B 92 13.08 -3.72 -5.82
C PRO B 92 11.64 -4.14 -5.57
N VAL B 93 10.98 -4.75 -6.55
CA VAL B 93 9.56 -5.04 -6.44
C VAL B 93 9.18 -5.99 -5.30
N ALA B 94 10.05 -6.92 -4.98
CA ALA B 94 9.82 -7.86 -3.86
C ALA B 94 10.28 -7.31 -2.50
N GLY B 95 10.98 -6.19 -2.53
CA GLY B 95 11.60 -5.56 -1.37
C GLY B 95 13.11 -5.64 -1.35
N PHE B 96 13.76 -4.85 -0.51
CA PHE B 96 15.21 -4.92 -0.36
C PHE B 96 15.62 -6.33 0.14
N PRO B 97 16.66 -6.93 -0.46
CA PRO B 97 17.07 -8.27 0.00
C PRO B 97 17.29 -8.34 1.50
N LEU B 98 17.93 -7.34 2.08
CA LEU B 98 18.24 -7.34 3.49
C LEU B 98 16.97 -7.37 4.31
N PHE B 99 15.95 -6.64 3.85
CA PHE B 99 14.69 -6.69 4.53
C PHE B 99 14.07 -8.09 4.44
N LEU B 100 14.12 -8.70 3.27
CA LEU B 100 13.52 -10.02 3.10
C LEU B 100 14.24 -11.07 3.95
N GLU B 101 15.58 -11.01 3.96
CA GLU B 101 16.38 -11.89 4.83
C GLU B 101 16.03 -11.69 6.32
N ALA B 102 15.91 -10.43 6.74
CA ALA B 102 15.52 -10.10 8.10
C ALA B 102 14.15 -10.68 8.46
N ALA B 103 13.20 -10.56 7.53
CA ALA B 103 11.85 -11.09 7.73
C ALA B 103 11.83 -12.60 7.87
N GLN B 104 12.50 -13.26 6.94
CA GLN B 104 12.68 -14.74 7.03
C GLN B 104 13.34 -15.17 8.30
N PHE B 105 14.40 -14.45 8.69
CA PHE B 105 15.10 -14.74 9.93
C PHE B 105 14.16 -14.70 11.14
N LEU B 106 13.37 -13.61 11.27
CA LEU B 106 12.46 -13.50 12.40
C LEU B 106 11.39 -14.59 12.42
N MET B 107 10.85 -14.92 11.25
CA MET B 107 9.75 -15.90 11.15
C MET B 107 10.22 -17.36 11.22
N PHE B 108 11.27 -17.70 10.47
CA PHE B 108 11.67 -19.09 10.25
C PHE B 108 12.94 -19.49 10.96
N GLY B 109 13.67 -18.52 11.49
CA GLY B 109 14.96 -18.79 12.14
C GLY B 109 16.12 -18.60 11.17
N LYS B 110 17.32 -18.44 11.71
CA LYS B 110 18.53 -18.25 10.92
C LYS B 110 18.85 -19.51 10.12
N ASP B 111 19.05 -19.33 8.83
CA ASP B 111 19.45 -20.43 7.93
C ASP B 111 18.59 -21.65 8.09
N SER B 112 17.28 -21.48 8.03
CA SER B 112 16.40 -22.59 8.31
C SER B 112 16.55 -23.67 7.24
N LYS B 113 16.14 -24.88 7.61
CA LYS B 113 15.93 -26.00 6.65
C LYS B 113 15.23 -25.50 5.37
N ALA B 114 14.08 -24.81 5.54
CA ALA B 114 13.24 -24.42 4.42
C ALA B 114 14.03 -23.48 3.49
N ALA B 115 14.72 -22.50 4.06
CA ALA B 115 15.51 -21.60 3.24
C ALA B 115 16.63 -22.37 2.51
N GLN B 116 17.35 -23.23 3.24
CA GLN B 116 18.46 -24.00 2.67
C GLN B 116 17.96 -24.80 1.48
N GLU B 117 16.76 -25.34 1.61
CA GLU B 117 16.15 -26.14 0.54
C GLU B 117 15.48 -25.32 -0.60
N GLY B 118 15.48 -23.99 -0.51
CA GLY B 118 14.93 -23.13 -1.57
C GLY B 118 13.40 -23.12 -1.64
N ARG B 119 12.77 -23.27 -0.49
CA ARG B 119 11.31 -23.41 -0.38
C ARG B 119 10.57 -22.12 -0.04
N ILE B 120 11.28 -21.05 0.31
CA ILE B 120 10.62 -19.85 0.80
C ILE B 120 10.54 -18.82 -0.31
N ALA B 121 9.33 -18.40 -0.63
CA ALA B 121 9.07 -17.32 -1.58
C ALA B 121 8.55 -16.16 -0.75
N SER B 122 9.32 -15.08 -0.72
CA SER B 122 9.10 -13.95 0.16
C SER B 122 8.94 -12.67 -0.65
N CYS B 123 7.99 -11.83 -0.22
CA CYS B 123 7.66 -10.61 -0.92
C CYS B 123 7.12 -9.56 0.07
N GLN B 124 7.81 -8.45 0.16
CA GLN B 124 7.37 -7.34 1.01
C GLN B 124 5.96 -6.96 0.63
N SER B 125 5.14 -6.63 1.64
CA SER B 125 3.80 -6.08 1.39
C SER B 125 3.49 -5.02 2.43
N LEU B 126 2.25 -4.56 2.41
CA LEU B 126 1.84 -3.43 3.26
C LEU B 126 1.31 -3.90 4.62
N SER B 127 2.26 -4.26 5.44
CA SER B 127 2.02 -4.82 6.73
C SER B 127 1.14 -6.06 6.69
N GLY B 128 0.46 -6.36 7.79
CA GLY B 128 -0.36 -7.57 7.86
C GLY B 128 -1.49 -7.54 6.82
N THR B 129 -2.23 -6.44 6.80
CA THR B 129 -3.41 -6.37 5.96
C THR B 129 -3.07 -6.54 4.49
N GLY B 130 -2.02 -5.83 4.05
CA GLY B 130 -1.53 -5.92 2.68
C GLY B 130 -0.98 -7.29 2.31
N SER B 131 -0.34 -7.96 3.26
CA SER B 131 0.11 -9.35 3.05
C SER B 131 -1.07 -10.34 2.95
N LEU B 132 -2.14 -10.10 3.71
CA LEU B 132 -3.33 -10.91 3.64
C LEU B 132 -4.00 -10.74 2.28
N HIS B 133 -4.09 -9.49 1.84
CA HIS B 133 -4.75 -9.20 0.60
C HIS B 133 -4.03 -9.92 -0.54
N ILE B 134 -2.71 -9.76 -0.63
CA ILE B 134 -1.94 -10.36 -1.74
C ILE B 134 -1.91 -11.92 -1.63
N GLY B 135 -1.80 -12.42 -0.40
CA GLY B 135 -1.81 -13.87 -0.10
C GLY B 135 -3.15 -14.56 -0.43
N PHE B 136 -4.27 -13.93 -0.04
CA PHE B 136 -5.61 -14.40 -0.38
C PHE B 136 -5.79 -14.43 -1.91
N GLU B 137 -5.48 -13.33 -2.60
CA GLU B 137 -5.58 -13.22 -4.06
C GLU B 137 -4.68 -14.26 -4.75
N PHE B 138 -3.48 -14.38 -4.27
CA PHE B 138 -2.51 -15.36 -4.78
C PHE B 138 -3.16 -16.71 -4.82
N LEU B 139 -3.82 -17.11 -3.72
CA LEU B 139 -4.42 -18.46 -3.63
C LEU B 139 -5.71 -18.57 -4.45
N HIS B 140 -6.53 -17.51 -4.42
CA HIS B 140 -7.75 -17.51 -5.19
C HIS B 140 -7.46 -17.60 -6.70
N LEU B 141 -6.37 -16.99 -7.16
CA LEU B 141 -6.01 -17.04 -8.59
C LEU B 141 -5.45 -18.40 -9.01
N TRP B 142 -4.62 -18.98 -8.17
CA TRP B 142 -3.93 -20.23 -8.48
C TRP B 142 -4.79 -21.47 -8.21
N MET B 143 -5.58 -21.43 -7.15
CA MET B 143 -6.45 -22.56 -6.78
C MET B 143 -7.86 -22.03 -6.53
N PRO B 144 -8.54 -21.62 -7.60
CA PRO B 144 -9.84 -20.97 -7.46
C PRO B 144 -10.92 -21.84 -6.85
N LYS B 145 -10.77 -23.17 -6.88
CA LYS B 145 -11.74 -24.08 -6.25
C LYS B 145 -11.38 -24.54 -4.83
N ALA B 146 -10.26 -24.09 -4.27
CA ALA B 146 -9.92 -24.46 -2.90
C ALA B 146 -10.84 -23.72 -1.95
N GLU B 147 -11.44 -24.45 -1.02
CA GLU B 147 -12.26 -23.85 0.01
C GLU B 147 -11.35 -23.15 0.99
N PHE B 148 -11.83 -22.01 1.48
CA PHE B 148 -11.08 -21.16 2.36
C PHE B 148 -11.78 -21.13 3.72
N TYR B 149 -11.07 -21.56 4.78
CA TYR B 149 -11.64 -21.71 6.12
C TYR B 149 -11.11 -20.66 7.11
N MET B 150 -12.02 -19.97 7.78
CA MET B 150 -11.75 -19.06 8.90
C MET B 150 -12.03 -19.74 10.24
N PRO B 151 -11.28 -19.37 11.30
CA PRO B 151 -11.82 -19.79 12.60
C PRO B 151 -13.15 -19.06 12.91
N SER B 152 -14.02 -19.71 13.68
CA SER B 152 -15.37 -19.22 13.93
C SER B 152 -15.41 -17.90 14.70
N THR B 153 -14.31 -17.59 15.38
CA THR B 153 -14.03 -16.26 15.85
C THR B 153 -12.72 -15.83 15.24
N THR B 154 -12.67 -14.63 14.69
CA THR B 154 -11.47 -14.11 14.04
C THR B 154 -11.43 -12.56 13.99
N TRP B 155 -10.33 -11.99 13.51
CA TRP B 155 -10.22 -10.51 13.37
C TRP B 155 -11.25 -10.05 12.36
N PRO B 156 -12.12 -9.07 12.72
CA PRO B 156 -13.20 -8.76 11.78
C PRO B 156 -12.74 -8.35 10.38
N ASN B 157 -11.58 -7.72 10.26
CA ASN B 157 -11.14 -7.31 8.94
C ASN B 157 -10.77 -8.53 8.06
N HIS B 158 -10.61 -9.72 8.65
CA HIS B 158 -10.40 -10.91 7.82
C HIS B 158 -11.57 -11.07 6.84
N TYR B 159 -12.79 -10.74 7.27
CA TYR B 159 -13.99 -10.88 6.43
C TYR B 159 -13.99 -9.93 5.23
N GLY B 160 -13.61 -8.69 5.48
CA GLY B 160 -13.51 -7.65 4.44
C GLY B 160 -12.46 -7.96 3.39
N ILE B 161 -11.25 -8.31 3.84
CA ILE B 161 -10.16 -8.67 2.97
C ILE B 161 -10.59 -9.87 2.10
N TYR B 162 -11.20 -10.86 2.75
CA TYR B 162 -11.74 -12.00 2.03
C TYR B 162 -12.71 -11.56 0.95
N ASP B 163 -13.65 -10.66 1.31
CA ASP B 163 -14.70 -10.28 0.38
C ASP B 163 -14.16 -9.59 -0.89
N LYS B 164 -13.24 -8.65 -0.71
CA LYS B 164 -12.71 -7.96 -1.87
C LYS B 164 -12.01 -8.93 -2.83
N VAL B 165 -11.37 -9.97 -2.35
CA VAL B 165 -10.62 -10.89 -3.20
C VAL B 165 -11.57 -11.95 -3.79
N PHE B 166 -12.39 -12.56 -2.95
CA PHE B 166 -13.21 -13.73 -3.37
C PHE B 166 -14.62 -13.39 -3.78
N ASN B 167 -15.14 -12.30 -3.20
CA ASN B 167 -16.56 -11.96 -3.27
C ASN B 167 -17.38 -12.98 -2.49
N LYS B 168 -17.64 -12.69 -1.21
CA LYS B 168 -18.46 -13.55 -0.31
C LYS B 168 -19.72 -14.09 -0.91
N LEU B 169 -20.34 -13.35 -1.84
CA LEU B 169 -21.59 -13.77 -2.51
C LEU B 169 -21.39 -14.84 -3.61
N LYS B 170 -20.24 -14.80 -4.27
CA LYS B 170 -19.92 -15.79 -5.28
C LYS B 170 -19.23 -16.99 -4.66
N VAL B 171 -18.40 -16.76 -3.63
CA VAL B 171 -17.54 -17.80 -3.06
C VAL B 171 -17.47 -17.63 -1.52
N PRO B 172 -18.50 -18.08 -0.81
CA PRO B 172 -18.58 -17.90 0.63
C PRO B 172 -17.38 -18.53 1.33
N TYR B 173 -16.84 -17.91 2.38
CA TYR B 173 -15.84 -18.60 3.19
C TYR B 173 -16.55 -19.67 4.07
N LYS B 174 -15.73 -20.61 4.53
CA LYS B 174 -16.13 -21.67 5.43
C LYS B 174 -15.53 -21.40 6.82
N GLU B 175 -15.97 -22.19 7.81
CA GLU B 175 -15.55 -22.00 9.18
C GLU B 175 -15.18 -23.32 9.85
N TYR B 176 -14.16 -23.28 10.69
CA TYR B 176 -13.86 -24.39 11.62
C TYR B 176 -14.11 -23.93 13.06
N THR B 177 -14.52 -24.86 13.90
CA THR B 177 -14.81 -24.63 15.30
C THR B 177 -13.55 -24.10 16.01
N TYR B 178 -13.71 -23.00 16.70
CA TYR B 178 -12.60 -22.47 17.54
C TYR B 178 -13.12 -22.44 18.99
N LEU B 179 -13.75 -21.35 19.42
CA LEU B 179 -14.27 -21.31 20.78
C LEU B 179 -15.50 -22.20 20.94
N ARG B 180 -15.78 -22.64 22.16
CA ARG B 180 -17.03 -23.38 22.43
C ARG B 180 -18.24 -22.56 22.01
N LYS B 181 -19.26 -23.24 21.47
CA LYS B 181 -20.53 -22.60 21.14
C LYS B 181 -21.27 -22.19 22.43
N ASP B 182 -20.97 -22.77 23.58
CA ASP B 182 -21.62 -22.28 24.82
C ASP B 182 -21.12 -20.92 25.36
N GLY B 183 -20.23 -20.23 24.64
CA GLY B 183 -19.68 -18.92 25.11
C GLY B 183 -18.33 -18.94 25.85
N GLU B 184 -18.12 -19.96 26.66
CA GLU B 184 -16.94 -20.06 27.52
C GLU B 184 -15.60 -19.96 26.75
N LEU B 185 -14.61 -19.33 27.39
CA LEU B 185 -13.35 -19.02 26.76
C LEU B 185 -12.41 -20.21 26.70
N GLU B 186 -12.74 -21.15 25.82
CA GLU B 186 -11.94 -22.37 25.63
C GLU B 186 -12.14 -22.83 24.20
N ILE B 187 -11.08 -23.39 23.59
CA ILE B 187 -11.15 -23.99 22.27
C ILE B 187 -11.86 -25.37 22.38
N ASP B 188 -12.91 -25.57 21.58
CA ASP B 188 -13.60 -26.84 21.56
C ASP B 188 -12.79 -27.72 20.59
N PHE B 189 -11.64 -28.19 21.06
CA PHE B 189 -10.62 -28.72 20.16
C PHE B 189 -10.98 -30.08 19.55
N SER B 190 -11.86 -30.81 20.23
CA SER B 190 -12.32 -32.06 19.69
C SER B 190 -13.08 -31.79 18.40
N ASN B 191 -13.88 -30.73 18.38
CA ASN B 191 -14.58 -30.34 17.17
C ASN B 191 -13.69 -29.65 16.14
N THR B 192 -12.68 -28.92 16.61
CA THR B 192 -11.69 -28.35 15.72
C THR B 192 -11.07 -29.44 14.85
N LYS B 193 -10.63 -30.51 15.52
CA LYS B 193 -9.97 -31.60 14.83
C LYS B 193 -10.95 -32.25 13.82
N LYS B 194 -12.19 -32.45 14.26
CA LYS B 194 -13.19 -33.06 13.36
C LYS B 194 -13.45 -32.21 12.13
N ASP B 195 -13.52 -30.90 12.32
CA ASP B 195 -13.76 -30.00 11.20
C ASP B 195 -12.62 -30.02 10.19
N ILE B 196 -11.37 -30.01 10.65
CA ILE B 196 -10.25 -29.99 9.73
C ILE B 196 -10.11 -31.34 9.04
N GLN B 197 -10.34 -32.43 9.78
CA GLN B 197 -10.31 -33.78 9.24
C GLN B 197 -11.40 -34.02 8.17
N SER B 198 -12.60 -33.50 8.40
CA SER B 198 -13.74 -33.78 7.54
C SER B 198 -13.86 -32.84 6.34
N ALA B 199 -13.08 -31.76 6.37
CA ALA B 199 -13.02 -30.81 5.25
C ALA B 199 -12.49 -31.49 4.00
N PRO B 200 -12.80 -30.94 2.82
CA PRO B 200 -12.25 -31.55 1.62
C PRO B 200 -10.73 -31.43 1.61
N GLU B 201 -10.05 -32.43 1.02
CA GLU B 201 -8.60 -32.37 0.87
CA GLU B 201 -8.60 -32.37 0.91
C GLU B 201 -8.15 -31.09 0.15
N LYS B 202 -6.98 -30.57 0.53
CA LYS B 202 -6.36 -29.40 -0.11
C LYS B 202 -7.17 -28.10 0.06
N SER B 203 -7.75 -27.93 1.24
CA SER B 203 -8.47 -26.71 1.60
C SER B 203 -7.44 -25.79 2.27
N ILE B 204 -7.78 -24.53 2.43
CA ILE B 204 -6.89 -23.53 3.02
C ILE B 204 -7.45 -23.21 4.39
N PHE B 205 -6.61 -23.21 5.43
CA PHE B 205 -7.04 -22.94 6.80
C PHE B 205 -6.32 -21.72 7.29
N LEU B 206 -7.06 -20.67 7.60
CA LEU B 206 -6.48 -19.46 8.16
C LEU B 206 -6.25 -19.69 9.64
N PHE B 207 -5.00 -19.52 10.08
CA PHE B 207 -4.65 -19.73 11.48
C PHE B 207 -3.98 -18.48 12.00
N HIS B 208 -4.24 -18.12 13.23
CA HIS B 208 -3.45 -17.08 13.87
C HIS B 208 -2.23 -17.82 14.44
N ALA B 209 -1.01 -17.30 14.22
CA ALA B 209 0.22 -17.99 14.62
C ALA B 209 0.32 -18.03 16.14
N CYS B 210 -0.10 -16.94 16.77
CA CYS B 210 -0.22 -16.86 18.22
C CYS B 210 -1.01 -15.60 18.61
N ALA B 211 -1.39 -15.52 19.88
CA ALA B 211 -2.23 -14.42 20.41
C ALA B 211 -3.43 -14.22 19.56
N HIS B 212 -4.22 -15.29 19.40
CA HIS B 212 -5.41 -15.20 18.59
C HIS B 212 -6.20 -13.93 18.95
N ASN B 213 -6.57 -13.14 17.92
CA ASN B 213 -7.33 -11.91 18.08
C ASN B 213 -8.71 -12.19 17.48
N PRO B 214 -9.80 -12.03 18.24
CA PRO B 214 -9.98 -11.29 19.47
C PRO B 214 -9.94 -12.12 20.78
N SER B 215 -9.86 -13.46 20.68
CA SER B 215 -10.19 -14.30 21.85
C SER B 215 -9.14 -14.36 22.95
N GLY B 216 -7.88 -14.18 22.57
CA GLY B 216 -6.76 -14.33 23.51
C GLY B 216 -6.55 -15.79 23.94
N ILE B 217 -7.23 -16.72 23.26
CA ILE B 217 -7.09 -18.15 23.53
C ILE B 217 -6.42 -18.84 22.34
N ASP B 218 -5.29 -19.54 22.57
CA ASP B 218 -4.47 -20.16 21.53
C ASP B 218 -4.49 -21.67 21.60
N PHE B 219 -4.25 -22.33 20.47
CA PHE B 219 -3.87 -23.74 20.50
C PHE B 219 -2.61 -23.89 21.37
N THR B 220 -2.56 -24.89 22.25
CA THR B 220 -1.33 -25.13 23.01
C THR B 220 -0.38 -25.86 22.06
N GLU B 221 0.89 -25.98 22.44
CA GLU B 221 1.83 -26.83 21.66
C GLU B 221 1.30 -28.24 21.37
N ALA B 222 0.79 -28.90 22.39
CA ALA B 222 0.20 -30.22 22.24
C ALA B 222 -0.90 -30.26 21.21
N GLN B 223 -1.74 -29.24 21.19
CA GLN B 223 -2.83 -29.20 20.24
C GLN B 223 -2.32 -28.94 18.82
N TRP B 224 -1.39 -28.03 18.65
CA TRP B 224 -0.81 -27.86 17.33
C TRP B 224 -0.21 -29.18 16.81
N LYS B 225 0.42 -29.93 17.70
CA LYS B 225 0.98 -31.22 17.33
C LYS B 225 -0.09 -32.22 16.89
N GLU B 226 -1.28 -32.18 17.48
CA GLU B 226 -2.37 -33.04 17.02
C GLU B 226 -2.91 -32.60 15.66
N LEU B 227 -2.87 -31.29 15.39
CA LEU B 227 -3.32 -30.79 14.11
C LEU B 227 -2.39 -31.25 13.00
N LEU B 228 -1.10 -31.34 13.31
CA LEU B 228 -0.08 -31.64 12.30
C LEU B 228 -0.40 -32.85 11.37
N PRO B 229 -0.60 -34.07 11.92
CA PRO B 229 -0.91 -35.22 11.07
C PRO B 229 -2.20 -35.09 10.25
N ILE B 230 -3.21 -34.36 10.78
CA ILE B 230 -4.44 -34.12 10.02
C ILE B 230 -4.09 -33.26 8.78
N MET B 231 -3.32 -32.18 9.00
CA MET B 231 -2.89 -31.30 7.89
C MET B 231 -2.12 -32.07 6.85
N LYS B 232 -1.25 -32.96 7.30
CA LYS B 232 -0.50 -33.80 6.39
C LYS B 232 -1.37 -34.78 5.61
N GLU B 233 -2.24 -35.49 6.29
CA GLU B 233 -3.06 -36.51 5.61
C GLU B 233 -4.01 -35.89 4.62
N LYS B 234 -4.50 -34.69 4.94
CA LYS B 234 -5.48 -34.04 4.09
C LYS B 234 -4.85 -33.09 3.05
N LYS B 235 -3.53 -32.90 3.11
CA LYS B 235 -2.81 -32.00 2.22
C LYS B 235 -3.38 -30.55 2.22
N HIS B 236 -3.88 -30.11 3.37
CA HIS B 236 -4.38 -28.76 3.56
C HIS B 236 -3.23 -27.73 3.55
N ILE B 237 -3.55 -26.50 3.19
CA ILE B 237 -2.61 -25.40 3.19
C ILE B 237 -2.84 -24.65 4.49
N ALA B 238 -1.79 -24.40 5.25
CA ALA B 238 -1.89 -23.53 6.42
C ALA B 238 -1.63 -22.07 6.02
N PHE B 239 -2.60 -21.19 6.25
CA PHE B 239 -2.39 -19.75 6.08
C PHE B 239 -2.26 -19.05 7.45
N PHE B 240 -1.04 -18.73 7.84
CA PHE B 240 -0.80 -18.08 9.12
C PHE B 240 -0.85 -16.57 9.00
N ASP B 241 -1.57 -15.96 9.93
CA ASP B 241 -1.59 -14.52 10.14
C ASP B 241 -0.74 -14.30 11.39
N SER B 242 0.41 -13.66 11.23
CA SER B 242 1.36 -13.51 12.30
C SER B 242 1.68 -12.04 12.54
N ALA B 243 0.89 -11.41 13.40
CA ALA B 243 1.07 -10.01 13.74
C ALA B 243 1.56 -9.80 15.16
N TYR B 244 1.62 -10.87 15.96
CA TYR B 244 1.95 -10.75 17.39
C TYR B 244 3.14 -11.59 17.83
N GLN B 245 4.04 -11.88 16.88
CA GLN B 245 5.23 -12.61 17.22
C GLN B 245 6.04 -11.80 18.23
N GLY B 246 6.26 -12.39 19.39
CA GLY B 246 6.80 -11.65 20.54
C GLY B 246 5.87 -11.35 21.71
N PHE B 247 4.55 -11.34 21.47
CA PHE B 247 3.57 -10.93 22.48
C PHE B 247 2.83 -12.07 23.18
N ALA B 248 3.08 -13.31 22.78
CA ALA B 248 2.41 -14.45 23.40
C ALA B 248 3.22 -14.94 24.59
N THR B 249 4.40 -15.51 24.32
CA THR B 249 5.37 -15.82 25.39
C THR B 249 6.45 -14.74 25.64
N GLY B 250 6.48 -13.64 24.90
CA GLY B 250 7.65 -12.75 24.95
C GLY B 250 8.89 -13.20 24.15
N SER B 251 8.87 -14.45 23.68
CA SER B 251 9.98 -15.06 22.95
C SER B 251 9.63 -15.19 21.48
N PHE B 252 10.45 -14.62 20.60
CA PHE B 252 10.24 -14.76 19.17
C PHE B 252 10.21 -16.18 18.72
N GLU B 253 11.20 -16.94 19.17
CA GLU B 253 11.35 -18.28 18.71
C GLU B 253 10.08 -19.02 19.05
N ALA B 254 9.63 -18.87 20.30
CA ALA B 254 8.54 -19.70 20.79
C ALA B 254 7.26 -19.36 20.11
N ASP B 255 7.06 -18.08 19.81
CA ASP B 255 5.83 -17.58 19.20
C ASP B 255 5.73 -17.96 17.70
N ALA B 256 6.84 -18.43 17.12
CA ALA B 256 6.83 -18.98 15.77
C ALA B 256 6.69 -20.52 15.76
N PHE B 257 6.44 -21.13 16.93
CA PHE B 257 6.41 -22.58 17.08
C PHE B 257 5.58 -23.28 16.03
N ALA B 258 4.36 -22.84 15.83
CA ALA B 258 3.43 -23.59 15.00
C ALA B 258 3.80 -23.46 13.50
N VAL B 259 4.25 -22.27 13.10
CA VAL B 259 4.77 -22.05 11.77
C VAL B 259 5.97 -22.93 11.48
N ARG B 260 7.00 -22.87 12.31
CA ARG B 260 8.22 -23.66 12.06
C ARG B 260 7.98 -25.18 12.16
N MET B 261 7.08 -25.61 13.04
CA MET B 261 6.73 -27.02 13.15
CA MET B 261 6.76 -27.02 13.15
C MET B 261 6.06 -27.53 11.86
N PHE B 262 5.09 -26.77 11.38
CA PHE B 262 4.37 -27.15 10.15
C PHE B 262 5.32 -27.22 8.96
N VAL B 263 6.13 -26.17 8.78
CA VAL B 263 7.12 -26.14 7.69
C VAL B 263 8.12 -27.32 7.80
N ASP B 264 8.62 -27.58 8.99
CA ASP B 264 9.61 -28.63 9.10
C ASP B 264 9.05 -29.99 8.75
N ALA B 265 7.75 -30.17 8.98
CA ALA B 265 7.07 -31.41 8.71
C ALA B 265 6.56 -31.50 7.27
N GLY B 266 6.73 -30.44 6.49
CA GLY B 266 6.35 -30.45 5.08
C GLY B 266 4.92 -30.02 4.77
N VAL B 267 4.23 -29.46 5.77
CA VAL B 267 2.94 -28.82 5.52
C VAL B 267 3.26 -27.56 4.66
N GLU B 268 2.50 -27.36 3.60
CA GLU B 268 2.68 -26.17 2.76
C GLU B 268 1.96 -24.97 3.36
N VAL B 269 2.68 -23.84 3.48
CA VAL B 269 2.17 -22.70 4.26
C VAL B 269 2.32 -21.36 3.59
N LEU B 270 1.44 -20.45 3.97
CA LEU B 270 1.65 -19.03 3.71
C LEU B 270 1.73 -18.30 5.07
N VAL B 271 2.51 -17.23 5.12
CA VAL B 271 2.58 -16.39 6.33
C VAL B 271 2.41 -14.91 5.95
N ALA B 272 1.41 -14.24 6.56
CA ALA B 272 1.29 -12.84 6.54
C ALA B 272 1.89 -12.30 7.84
N GLN B 273 3.02 -11.63 7.70
CA GLN B 273 3.88 -11.20 8.85
C GLN B 273 3.84 -9.70 8.94
N SER B 274 3.23 -9.16 10.00
CA SER B 274 3.18 -7.71 10.26
C SER B 274 4.24 -7.32 11.26
N PHE B 275 4.85 -6.15 11.05
CA PHE B 275 5.73 -5.53 12.02
C PHE B 275 5.12 -4.30 12.71
N SER B 276 3.79 -4.16 12.60
CA SER B 276 3.07 -3.02 13.23
C SER B 276 3.21 -3.03 14.75
N LYS B 277 3.02 -4.21 15.34
CA LYS B 277 2.91 -4.34 16.79
C LYS B 277 4.27 -4.63 17.41
N ASN B 278 4.99 -5.65 16.91
CA ASN B 278 6.27 -5.98 17.56
C ASN B 278 7.36 -4.91 17.40
N PHE B 279 7.43 -4.23 16.24
CA PHE B 279 8.41 -3.11 16.06
C PHE B 279 7.73 -1.75 16.31
N GLY B 280 6.41 -1.74 16.54
CA GLY B 280 5.63 -0.49 16.75
C GLY B 280 5.64 0.44 15.55
N LEU B 281 5.66 -0.17 14.37
CA LEU B 281 5.74 0.51 13.08
C LEU B 281 4.36 0.61 12.34
N TYR B 282 3.30 0.60 13.13
CA TYR B 282 1.89 0.71 12.70
C TYR B 282 1.66 1.49 11.40
N GLY B 283 2.00 2.77 11.43
CA GLY B 283 1.76 3.70 10.31
C GLY B 283 2.75 3.62 9.16
N GLU B 284 3.90 2.95 9.35
CA GLU B 284 4.85 2.78 8.28
C GLU B 284 4.35 1.75 7.25
N ARG B 285 3.44 0.88 7.67
CA ARG B 285 2.79 -0.13 6.83
C ARG B 285 3.82 -1.10 6.25
N ILE B 286 4.47 -1.82 7.14
CA ILE B 286 5.58 -2.72 6.76
C ILE B 286 5.28 -4.12 7.24
N GLY B 287 5.42 -5.08 6.32
CA GLY B 287 5.31 -6.52 6.64
C GLY B 287 5.82 -7.32 5.46
N CYS B 288 5.65 -8.63 5.52
CA CYS B 288 6.15 -9.53 4.48
C CYS B 288 5.17 -10.67 4.32
N LEU B 289 4.98 -11.10 3.08
CA LEU B 289 4.20 -12.31 2.75
C LEU B 289 5.21 -13.39 2.38
N HIS B 290 5.07 -14.58 2.94
CA HIS B 290 5.88 -15.71 2.54
C HIS B 290 4.97 -16.84 2.06
N VAL B 291 5.45 -17.58 1.05
CA VAL B 291 4.87 -18.89 0.70
C VAL B 291 5.98 -19.91 0.85
N VAL B 292 5.73 -20.97 1.62
CA VAL B 292 6.71 -22.02 1.77
C VAL B 292 6.21 -23.33 1.19
N HIS B 293 6.76 -23.72 0.06
CA HIS B 293 6.30 -24.97 -0.58
C HIS B 293 7.03 -26.18 -0.01
N ALA B 294 6.54 -27.38 -0.35
CA ALA B 294 7.02 -28.63 0.22
C ALA B 294 8.50 -29.01 -0.05
N GLY B 295 9.12 -28.41 -1.06
CA GLY B 295 10.50 -28.69 -1.41
C GLY B 295 10.67 -29.99 -2.16
N VAL B 296 9.63 -30.39 -2.92
CA VAL B 296 9.63 -31.69 -3.60
C VAL B 296 9.77 -31.54 -5.11
N GLU B 297 10.42 -30.48 -5.57
CA GLU B 297 10.52 -30.26 -7.03
C GLU B 297 11.57 -31.11 -7.69
N GLY B 298 12.47 -31.68 -6.89
CA GLY B 298 13.48 -32.65 -7.35
C GLY B 298 14.93 -32.17 -7.26
N SER B 299 15.14 -30.91 -6.93
CA SER B 299 16.46 -30.37 -6.61
C SER B 299 16.31 -29.03 -5.89
N VAL B 300 17.40 -28.60 -5.24
CA VAL B 300 17.37 -27.27 -4.63
C VAL B 300 17.08 -26.22 -5.69
N GLU B 301 17.68 -26.37 -6.87
CA GLU B 301 17.57 -25.35 -7.91
C GLU B 301 16.13 -25.30 -8.45
N LYS B 302 15.52 -26.47 -8.62
CA LYS B 302 14.12 -26.50 -9.04
C LYS B 302 13.21 -25.93 -7.95
N ASN B 303 13.51 -26.20 -6.68
CA ASN B 303 12.75 -25.55 -5.58
C ASN B 303 12.84 -24.02 -5.65
N LYS B 304 14.05 -23.53 -5.92
CA LYS B 304 14.29 -22.09 -5.99
C LYS B 304 13.57 -21.51 -7.17
N ALA B 305 13.54 -22.24 -8.28
CA ALA B 305 12.84 -21.77 -9.49
C ALA B 305 11.33 -21.60 -9.20
N LEU B 306 10.75 -22.59 -8.52
CA LEU B 306 9.34 -22.51 -8.11
C LEU B 306 9.10 -21.36 -7.13
N SER B 307 9.98 -21.20 -6.17
CA SER B 307 9.87 -20.07 -5.24
C SER B 307 9.93 -18.71 -5.96
N ALA B 308 10.89 -18.57 -6.86
CA ALA B 308 11.03 -17.36 -7.68
C ALA B 308 9.79 -17.12 -8.53
N ALA B 309 9.27 -18.17 -9.16
CA ALA B 309 8.05 -18.07 -9.93
C ALA B 309 6.92 -17.47 -9.08
N MET B 310 6.76 -17.98 -7.86
CA MET B 310 5.74 -17.48 -6.98
C MET B 310 5.93 -16.02 -6.56
N VAL B 311 7.18 -15.63 -6.23
CA VAL B 311 7.48 -14.22 -5.97
C VAL B 311 7.12 -13.39 -7.19
N SER B 312 7.44 -13.88 -8.39
CA SER B 312 7.09 -13.13 -9.58
C SER B 312 5.56 -12.95 -9.71
N GLY B 313 4.78 -13.95 -9.31
CA GLY B 313 3.31 -13.78 -9.31
C GLY B 313 2.86 -12.77 -8.27
N MET B 314 3.45 -12.82 -7.07
CA MET B 314 3.09 -11.85 -6.03
C MET B 314 3.43 -10.41 -6.42
N THR B 315 4.60 -10.20 -7.03
CA THR B 315 5.00 -8.86 -7.47
C THR B 315 4.13 -8.34 -8.63
N LEU B 316 3.68 -9.23 -9.50
CA LEU B 316 2.78 -8.83 -10.58
C LEU B 316 1.44 -8.31 -10.00
N GLN B 317 0.91 -9.05 -9.03
CA GLN B 317 -0.30 -8.64 -8.32
C GLN B 317 -0.11 -7.26 -7.71
N ILE B 318 1.02 -7.06 -7.05
CA ILE B 318 1.28 -5.79 -6.35
C ILE B 318 1.43 -4.66 -7.35
N ARG B 319 2.13 -4.97 -8.45
CA ARG B 319 2.36 -4.01 -9.54
C ARG B 319 1.06 -3.36 -9.96
N LYS B 320 -0.01 -4.15 -10.08
CA LYS B 320 -1.33 -3.64 -10.50
C LYS B 320 -2.17 -3.05 -9.39
N THR B 321 -1.63 -2.97 -8.18
CA THR B 321 -2.37 -2.50 -7.03
C THR B 321 -1.71 -1.27 -6.43
N TRP B 322 -0.45 -1.36 -6.06
CA TRP B 322 0.30 -0.18 -5.53
C TRP B 322 1.76 -0.03 -6.03
N SER B 323 2.07 -0.77 -7.09
CA SER B 323 3.35 -0.78 -7.79
C SER B 323 4.46 -1.52 -7.06
N MET B 324 4.86 -0.97 -5.93
CA MET B 324 5.80 -1.63 -5.02
C MET B 324 5.68 -1.01 -3.62
N SER B 325 6.30 -1.63 -2.62
CA SER B 325 5.92 -1.35 -1.26
C SER B 325 6.76 -0.25 -0.64
N ALA B 326 6.44 0.10 0.61
CA ALA B 326 6.99 1.32 1.25
C ALA B 326 8.32 1.13 1.90
N ILE B 327 9.29 1.98 1.56
CA ILE B 327 10.65 1.76 1.98
C ILE B 327 10.96 2.07 3.45
N HIS B 328 10.30 3.09 4.04
CA HIS B 328 10.81 3.61 5.30
C HIS B 328 10.80 2.54 6.39
N GLY B 329 9.69 1.82 6.51
CA GLY B 329 9.58 0.74 7.49
C GLY B 329 10.53 -0.43 7.21
N ALA B 330 10.79 -0.70 5.93
CA ALA B 330 11.75 -1.77 5.50
C ALA B 330 13.13 -1.42 5.98
N TYR B 331 13.53 -0.17 5.78
CA TYR B 331 14.84 0.30 6.26
C TYR B 331 14.97 0.08 7.76
N ILE B 332 13.96 0.52 8.53
CA ILE B 332 14.00 0.40 10.00
C ILE B 332 14.21 -1.07 10.46
N VAL B 333 13.36 -1.99 9.94
CA VAL B 333 13.49 -3.41 10.25
C VAL B 333 14.84 -4.01 9.82
N GLN B 334 15.33 -3.69 8.62
CA GLN B 334 16.52 -4.35 8.14
C GLN B 334 17.75 -3.85 8.90
N VAL B 335 17.71 -2.58 9.33
CA VAL B 335 18.82 -1.99 10.09
C VAL B 335 18.91 -2.62 11.49
N ILE B 336 17.77 -2.88 12.09
CA ILE B 336 17.74 -3.47 13.40
C ILE B 336 18.18 -4.93 13.37
N VAL B 337 17.56 -5.75 12.53
CA VAL B 337 17.85 -7.19 12.54
C VAL B 337 19.30 -7.49 12.16
N HIS B 338 19.89 -6.69 11.28
CA HIS B 338 21.27 -6.97 10.82
C HIS B 338 22.33 -6.31 11.67
N ASP B 339 21.95 -5.70 12.79
CA ASP B 339 22.93 -5.17 13.75
C ASP B 339 22.75 -5.97 15.03
N LYS B 340 23.83 -6.63 15.46
CA LYS B 340 23.76 -7.54 16.61
C LYS B 340 23.29 -6.81 17.88
N ARG B 341 23.80 -5.59 18.08
CA ARG B 341 23.38 -4.74 19.21
C ARG B 341 21.90 -4.37 19.13
N LEU B 342 21.48 -3.87 17.99
CA LEU B 342 20.11 -3.43 17.83
C LEU B 342 19.12 -4.59 17.92
N LEU B 343 19.50 -5.77 17.43
CA LEU B 343 18.60 -6.92 17.42
C LEU B 343 18.33 -7.33 18.86
N GLN B 344 19.38 -7.36 19.69
CA GLN B 344 19.20 -7.72 21.12
C GLN B 344 18.37 -6.67 21.87
N MET B 345 18.60 -5.39 21.57
CA MET B 345 17.78 -4.32 22.12
CA MET B 345 17.79 -4.30 22.11
C MET B 345 16.33 -4.54 21.75
N PHE B 346 16.10 -4.84 20.46
CA PHE B 346 14.75 -5.11 19.95
C PHE B 346 14.08 -6.24 20.72
N TYR B 347 14.76 -7.38 20.86
CA TYR B 347 14.20 -8.48 21.65
C TYR B 347 13.85 -7.99 23.04
N ASP B 348 14.73 -7.21 23.66
CA ASP B 348 14.49 -6.76 25.04
C ASP B 348 13.30 -5.78 25.14
N ASN B 349 13.21 -4.88 24.17
CA ASN B 349 12.07 -3.97 24.05
C ASN B 349 10.71 -4.72 23.96
N VAL B 350 10.68 -5.80 23.21
CA VAL B 350 9.46 -6.63 23.09
C VAL B 350 9.16 -7.33 24.40
N LYS B 351 10.20 -7.88 25.01
CA LYS B 351 10.02 -8.46 26.32
C LYS B 351 9.43 -7.43 27.28
N GLU B 352 9.96 -6.21 27.27
CA GLU B 352 9.43 -5.11 28.13
C GLU B 352 7.93 -4.78 27.92
N MET B 353 7.48 -4.68 26.66
CA MET B 353 6.06 -4.42 26.36
C MET B 353 5.20 -5.56 26.92
N SER B 354 5.65 -6.80 26.69
CA SER B 354 4.90 -7.95 27.13
C SER B 354 4.79 -7.88 28.67
N ALA B 355 5.86 -7.50 29.34
CA ALA B 355 5.89 -7.51 30.81
C ALA B 355 4.95 -6.45 31.34
N ARG B 356 4.89 -5.27 30.71
CA ARG B 356 3.94 -4.22 31.14
C ARG B 356 2.49 -4.67 30.98
N ILE B 357 2.17 -5.26 29.84
CA ILE B 357 0.84 -5.85 29.63
C ILE B 357 0.51 -6.83 30.74
N HIS B 358 1.43 -7.74 31.08
CA HIS B 358 1.21 -8.70 32.17
C HIS B 358 0.99 -8.00 33.52
N ARG B 359 1.71 -6.91 33.78
CA ARG B 359 1.48 -6.10 34.95
C ARG B 359 0.06 -5.53 35.02
N MET B 360 -0.40 -5.00 33.90
CA MET B 360 -1.75 -4.43 33.82
C MET B 360 -2.84 -5.52 33.98
N ARG B 361 -2.57 -6.72 33.48
CA ARG B 361 -3.49 -7.84 33.72
C ARG B 361 -3.63 -8.09 35.23
N SER B 362 -2.51 -8.20 35.94
CA SER B 362 -2.54 -8.48 37.40
C SER B 362 -3.27 -7.36 38.17
N LEU B 363 -2.96 -6.11 37.80
CA LEU B 363 -3.49 -4.93 38.46
C LEU B 363 -5.00 -4.72 38.25
N LEU B 364 -5.49 -4.91 37.02
CA LEU B 364 -6.92 -4.71 36.74
C LEU B 364 -7.67 -5.82 37.49
N HIS B 365 -7.13 -7.03 37.40
CA HIS B 365 -7.73 -8.16 38.07
C HIS B 365 -7.86 -7.96 39.57
N ALA B 366 -6.78 -7.49 40.20
CA ALA B 366 -6.72 -7.31 41.65
C ALA B 366 -7.74 -6.24 42.05
N SER B 367 -7.85 -5.20 41.22
CA SER B 367 -8.81 -4.13 41.45
C SER B 367 -10.25 -4.61 41.30
N LEU B 368 -10.50 -5.55 40.37
CA LEU B 368 -11.85 -6.14 40.23
C LEU B 368 -12.16 -7.13 41.39
N ALA B 369 -11.13 -7.84 41.86
CA ALA B 369 -11.30 -8.85 42.91
C ALA B 369 -11.60 -8.16 44.20
N LYS B 370 -10.84 -7.10 44.46
CA LYS B 370 -10.98 -6.28 45.66
C LYS B 370 -12.42 -5.78 45.82
N ARG B 371 -13.09 -5.51 44.70
CA ARG B 371 -14.47 -5.01 44.69
C ARG B 371 -15.53 -6.11 44.64
N LYS B 372 -15.10 -7.37 44.56
CA LYS B 372 -15.96 -8.51 44.35
C LYS B 372 -16.90 -8.29 43.12
N THR B 373 -16.37 -7.68 42.07
CA THR B 373 -17.15 -7.32 40.86
C THR B 373 -17.68 -8.54 40.11
N PRO B 374 -19.00 -8.60 39.86
CA PRO B 374 -19.54 -9.71 39.10
C PRO B 374 -18.90 -9.85 37.76
N GLY B 375 -18.78 -11.10 37.31
CA GLY B 375 -18.22 -11.37 36.01
C GLY B 375 -19.13 -12.16 35.11
N PRO B 376 -18.69 -12.38 33.85
CA PRO B 376 -19.46 -13.09 32.84
C PRO B 376 -19.35 -14.62 32.94
N GLY B 377 -20.09 -15.30 32.08
CA GLY B 377 -19.98 -16.74 31.98
C GLY B 377 -20.62 -17.42 33.18
N SER B 378 -20.58 -18.76 33.14
CA SER B 378 -21.11 -19.58 34.21
C SER B 378 -20.32 -19.35 35.52
N LYS B 379 -18.99 -19.26 35.42
CA LYS B 379 -18.17 -19.04 36.60
C LYS B 379 -18.37 -17.63 37.20
N GLY B 380 -18.68 -16.65 36.37
CA GLY B 380 -18.91 -15.29 36.86
C GLY B 380 -17.69 -14.63 37.49
N THR B 381 -16.50 -14.98 37.02
CA THR B 381 -15.23 -14.41 37.52
C THR B 381 -14.49 -13.65 36.42
N TRP B 382 -13.39 -12.99 36.81
CA TRP B 382 -12.58 -12.16 35.89
C TRP B 382 -11.17 -12.75 35.68
N ASP B 383 -11.05 -14.03 35.99
CA ASP B 383 -9.75 -14.70 35.91
C ASP B 383 -9.19 -14.77 34.49
N HIS B 384 -10.08 -14.70 33.50
CA HIS B 384 -9.66 -14.68 32.08
C HIS B 384 -8.81 -13.48 31.72
N ILE B 385 -8.84 -12.43 32.54
CA ILE B 385 -7.97 -11.25 32.33
C ILE B 385 -6.52 -11.72 32.53
N LEU B 386 -6.32 -12.59 33.50
CA LEU B 386 -4.99 -13.09 33.84
C LEU B 386 -4.41 -14.05 32.82
N THR B 387 -5.26 -14.85 32.18
CA THR B 387 -4.81 -15.94 31.32
C THR B 387 -4.83 -15.66 29.80
N ALA B 388 -5.48 -14.58 29.36
CA ALA B 388 -5.48 -14.16 27.93
C ALA B 388 -4.07 -14.00 27.34
N ILE B 389 -3.88 -14.44 26.08
CA ILE B 389 -2.57 -14.36 25.40
C ILE B 389 -2.56 -13.15 24.50
N GLY B 390 -1.55 -12.27 24.63
CA GLY B 390 -1.38 -11.15 23.68
C GLY B 390 -1.81 -9.81 24.25
N MET B 391 -2.31 -8.94 23.41
CA MET B 391 -2.62 -7.56 23.84
C MET B 391 -3.99 -7.42 24.49
N PHE B 392 -4.90 -8.35 24.20
CA PHE B 392 -6.30 -8.21 24.57
C PHE B 392 -6.81 -9.19 25.63
N THR B 393 -7.96 -8.83 26.19
CA THR B 393 -8.87 -9.75 26.87
C THR B 393 -10.22 -9.67 26.20
N PHE B 394 -10.76 -10.83 25.86
CA PHE B 394 -12.13 -10.96 25.40
C PHE B 394 -12.98 -10.93 26.70
N THR B 395 -13.36 -9.72 27.14
CA THR B 395 -13.86 -9.55 28.50
C THR B 395 -15.18 -10.25 28.80
N GLY B 396 -16.04 -10.33 27.79
CA GLY B 396 -17.38 -10.81 27.96
C GLY B 396 -18.39 -9.74 28.28
N LEU B 397 -17.95 -8.49 28.39
CA LEU B 397 -18.86 -7.36 28.65
C LEU B 397 -19.76 -7.21 27.47
N THR B 398 -21.03 -6.92 27.74
CA THR B 398 -22.04 -6.92 26.71
C THR B 398 -21.97 -5.64 25.91
N PRO B 399 -22.64 -5.60 24.76
CA PRO B 399 -22.76 -4.34 24.01
C PRO B 399 -23.30 -3.18 24.87
N GLU B 400 -24.26 -3.49 25.75
CA GLU B 400 -24.84 -2.48 26.65
C GLU B 400 -23.74 -1.94 27.57
N HIS B 401 -22.94 -2.84 28.13
CA HIS B 401 -21.84 -2.46 29.02
C HIS B 401 -20.86 -1.55 28.28
N VAL B 402 -20.60 -1.87 27.01
CA VAL B 402 -19.58 -1.15 26.23
C VAL B 402 -20.03 0.28 25.99
N ASP B 403 -21.27 0.44 25.55
CA ASP B 403 -21.91 1.77 25.35
C ASP B 403 -21.91 2.62 26.63
N TYR B 404 -22.34 1.99 27.74
CA TYR B 404 -22.39 2.64 29.03
C TYR B 404 -20.98 3.08 29.45
N LEU B 405 -19.99 2.19 29.33
CA LEU B 405 -18.61 2.57 29.72
C LEU B 405 -18.09 3.76 28.86
N LYS B 406 -18.47 3.79 27.58
CA LYS B 406 -18.11 4.87 26.71
C LYS B 406 -18.83 6.17 27.12
N GLU B 407 -20.16 6.10 27.26
CA GLU B 407 -20.97 7.30 27.48
C GLU B 407 -20.87 7.84 28.90
N LYS B 408 -20.92 6.98 29.90
CA LYS B 408 -20.86 7.44 31.29
C LYS B 408 -19.43 7.60 31.79
N TRP B 409 -18.50 6.73 31.38
CA TRP B 409 -17.15 6.74 31.96
C TRP B 409 -15.97 7.13 31.00
N SER B 410 -16.24 7.30 29.70
CA SER B 410 -15.22 7.66 28.71
C SER B 410 -14.13 6.57 28.58
N ILE B 411 -14.56 5.32 28.68
CA ILE B 411 -13.70 4.14 28.54
C ILE B 411 -14.09 3.43 27.25
N TYR B 412 -13.15 3.36 26.31
CA TYR B 412 -13.42 2.90 24.94
C TYR B 412 -12.94 1.45 24.73
N LEU B 413 -13.91 0.53 24.67
CA LEU B 413 -13.71 -0.89 24.35
C LEU B 413 -14.29 -1.18 22.98
N VAL B 414 -13.87 -2.30 22.40
CA VAL B 414 -14.53 -2.87 21.24
C VAL B 414 -15.84 -3.56 21.64
N LYS B 415 -16.90 -3.21 20.94
CA LYS B 415 -18.25 -3.71 21.25
C LYS B 415 -18.31 -5.23 21.14
N ALA B 416 -17.92 -5.79 20.01
CA ALA B 416 -17.91 -7.24 19.81
C ALA B 416 -17.03 -7.93 20.85
N GLY B 417 -17.67 -8.74 21.69
CA GLY B 417 -16.95 -9.51 22.70
C GLY B 417 -16.46 -8.69 23.88
N GLY B 418 -16.73 -7.39 23.88
CA GLY B 418 -16.12 -6.52 24.87
C GLY B 418 -14.60 -6.62 24.84
N ARG B 419 -14.02 -6.67 23.64
CA ARG B 419 -12.56 -6.80 23.51
C ARG B 419 -11.86 -5.58 24.11
N MET B 420 -10.90 -5.87 24.99
CA MET B 420 -10.18 -4.83 25.73
C MET B 420 -8.70 -4.85 25.36
N SER B 421 -8.16 -3.71 24.93
CA SER B 421 -6.70 -3.62 24.71
C SER B 421 -6.03 -3.27 26.04
N MET B 422 -5.30 -4.24 26.62
CA MET B 422 -4.66 -4.06 27.91
C MET B 422 -3.55 -3.02 27.87
N CYS B 423 -3.04 -2.74 26.67
CA CYS B 423 -2.00 -1.72 26.50
C CYS B 423 -2.46 -0.30 26.88
N GLY B 424 -3.75 -0.01 26.77
CA GLY B 424 -4.22 1.30 27.25
C GLY B 424 -4.34 1.47 28.77
N LEU B 425 -4.07 0.43 29.55
CA LEU B 425 -4.18 0.51 30.99
C LEU B 425 -2.84 0.99 31.49
N THR B 426 -2.89 1.76 32.58
CA THR B 426 -1.70 2.26 33.28
C THR B 426 -1.90 2.08 34.77
N GLU B 427 -0.83 2.22 35.55
CA GLU B 427 -0.99 2.22 37.00
C GLU B 427 -1.98 3.31 37.49
N SER B 428 -2.02 4.45 36.82
CA SER B 428 -2.93 5.56 37.15
C SER B 428 -4.41 5.32 36.86
N ASN B 429 -4.73 4.39 35.96
CA ASN B 429 -6.12 4.21 35.52
C ASN B 429 -6.77 2.84 35.72
N CYS B 430 -6.02 1.82 36.16
CA CYS B 430 -6.59 0.49 36.38
C CYS B 430 -7.75 0.48 37.36
N ASP B 431 -7.56 1.14 38.49
CA ASP B 431 -8.66 1.22 39.45
C ASP B 431 -9.86 2.01 38.92
N TYR B 432 -9.62 3.07 38.14
CA TYR B 432 -10.72 3.78 37.45
C TYR B 432 -11.48 2.85 36.48
N VAL B 433 -10.76 2.07 35.70
CA VAL B 433 -11.42 1.09 34.82
C VAL B 433 -12.21 0.00 35.62
N ALA B 434 -11.62 -0.51 36.70
CA ALA B 434 -12.31 -1.48 37.58
C ALA B 434 -13.60 -0.90 38.17
N GLU B 435 -13.55 0.37 38.58
CA GLU B 435 -14.70 1.08 39.13
C GLU B 435 -15.82 1.26 38.11
N ALA B 436 -15.47 1.71 36.91
CA ALA B 436 -16.45 1.84 35.85
C ALA B 436 -17.13 0.52 35.54
N ILE B 437 -16.35 -0.56 35.45
CA ILE B 437 -16.90 -1.86 35.14
C ILE B 437 -17.85 -2.31 36.24
N HIS B 438 -17.43 -2.15 37.50
CA HIS B 438 -18.25 -2.54 38.63
C HIS B 438 -19.61 -1.81 38.53
N ASP B 439 -19.56 -0.52 38.25
CA ASP B 439 -20.78 0.26 38.04
C ASP B 439 -21.59 -0.29 36.85
N ALA B 440 -20.95 -0.58 35.72
CA ALA B 440 -21.69 -1.07 34.54
C ALA B 440 -22.45 -2.36 34.81
N VAL B 441 -21.73 -3.30 35.44
CA VAL B 441 -22.21 -4.66 35.71
C VAL B 441 -23.20 -4.67 36.90
N THR B 442 -23.00 -3.76 37.86
CA THR B 442 -23.99 -3.53 38.91
C THR B 442 -25.31 -2.98 38.35
N LYS B 443 -25.23 -2.09 37.36
CA LYS B 443 -26.43 -1.48 36.82
C LYS B 443 -27.11 -2.31 35.72
N LEU B 444 -26.37 -3.25 35.14
CA LEU B 444 -26.88 -4.13 34.08
C LEU B 444 -26.28 -5.53 34.28
N PRO B 445 -26.81 -6.31 35.24
CA PRO B 445 -26.23 -7.61 35.50
C PRO B 445 -26.24 -8.55 34.30
N PHE B 446 -25.26 -9.45 34.27
CA PHE B 446 -25.23 -10.55 33.28
C PHE B 446 -26.47 -11.42 33.38
N LYS B 447 -26.91 -11.98 32.25
CA LYS B 447 -28.17 -12.74 32.17
C LYS B 447 -28.00 -14.12 32.78
#